data_8I2A
#
_entry.id   8I2A
#
_cell.length_a   61.741
_cell.length_b   80.539
_cell.length_c   77.258
_cell.angle_alpha   90.00
_cell.angle_beta   106.30
_cell.angle_gamma   90.00
#
_symmetry.space_group_name_H-M   'P 1 21 1'
#
loop_
_entity.id
_entity.type
_entity.pdbx_description
1 polymer 'Tryptophan--tRNA ligase'
2 non-polymer 'SULFATE ION'
3 non-polymer "TRYPTOPHANYL-5'AMP"
4 non-polymer 1,2-ETHANEDIOL
5 non-polymer 5-METHOXYBENZIMIDAZOLE
6 water water
#
_entity_poly.entity_id   1
_entity_poly.type   'polypeptide(L)'
_entity_poly.pdbx_seq_one_letter_code
;MTKPIVFSGAQPSGELTIGNYMGALRQWVNMQDDYHCIYCIVDQHAITVRQDAQKLRKATLDTLALYLACGIDPEKSTIF
VQSHVPEHAQLGWALNCYTYFGELSRMTQFKDKSARYAENINAGLFDYPVLMAADILLYQTNLVPVGEDQKQHLELSRDI
AQRFNALYGEIFKVPEPFIPKSGARVMSLLEPTKKMSKSDDNRNNVIGLLEDPKSVVKKIKRAVTDSDEPPVVRYDVQNK
AGVSNLLDILSAVTGQSIPELEKQFEGKMYGHLKGEVADAVSGMLTELQERYHRFRNDEAFLQQVMKDGAEKASAHASRT
LKAVYEAIGFVAKRHHHHHH
;
_entity_poly.pdbx_strand_id   A,B
#
loop_
_chem_comp.id
_chem_comp.type
_chem_comp.name
_chem_comp.formula
5OB non-polymer 5-METHOXYBENZIMIDAZOLE 'C8 H8 N2 O'
EDO non-polymer 1,2-ETHANEDIOL 'C2 H6 O2'
SO4 non-polymer 'SULFATE ION' 'O4 S -2'
TYM non-polymer TRYPTOPHANYL-5'AMP 'C21 H24 N7 O8 P'
#
# COMPACT_ATOMS: atom_id res chain seq x y z
N LYS A 3 -16.44 15.25 20.97
CA LYS A 3 -16.85 15.62 19.58
C LYS A 3 -16.69 14.44 18.62
N PRO A 4 -17.69 14.19 17.74
CA PRO A 4 -17.48 13.14 16.73
C PRO A 4 -16.41 13.52 15.71
N ILE A 5 -15.69 12.52 15.23
CA ILE A 5 -14.58 12.73 14.30
C ILE A 5 -15.11 12.60 12.88
N VAL A 6 -14.84 13.65 12.08
CA VAL A 6 -15.24 13.71 10.67
C VAL A 6 -13.98 13.69 9.82
N PHE A 7 -13.94 12.79 8.83
CA PHE A 7 -12.81 12.69 7.90
C PHE A 7 -13.23 13.05 6.49
N SER A 8 -12.46 13.95 5.86
CA SER A 8 -12.68 14.36 4.47
C SER A 8 -11.36 14.28 3.70
N GLY A 9 -11.39 13.60 2.56
CA GLY A 9 -10.26 13.57 1.62
C GLY A 9 -10.38 14.70 0.62
N ALA A 10 -9.27 15.43 0.42
CA ALA A 10 -9.21 16.55 -0.55
C ALA A 10 -8.20 16.23 -1.64
N GLN A 11 -8.66 16.15 -2.89
CA GLN A 11 -7.79 15.81 -4.03
C GLN A 11 -6.92 17.00 -4.45
N PRO A 12 -5.58 16.81 -4.52
CA PRO A 12 -4.69 17.87 -4.99
C PRO A 12 -4.58 17.86 -6.52
N SER A 13 -5.67 18.26 -7.16
CA SER A 13 -5.87 18.13 -8.61
C SER A 13 -7.19 18.76 -9.05
N GLY A 14 -8.26 18.46 -8.31
CA GLY A 14 -9.55 19.12 -8.49
C GLY A 14 -9.50 20.61 -8.19
N GLU A 15 -9.76 21.42 -9.23
CA GLU A 15 -9.97 22.85 -9.07
C GLU A 15 -11.43 23.05 -8.64
N LEU A 16 -11.62 23.62 -7.46
CA LEU A 16 -12.96 23.75 -6.87
C LEU A 16 -13.80 24.81 -7.59
N THR A 17 -15.11 24.52 -7.67
CA THR A 17 -16.09 25.41 -8.28
C THR A 17 -16.90 26.09 -7.17
N ILE A 18 -17.77 27.01 -7.56
CA ILE A 18 -18.73 27.63 -6.61
C ILE A 18 -19.76 26.63 -6.08
N GLY A 19 -20.00 25.55 -6.83
CA GLY A 19 -20.81 24.43 -6.35
C GLY A 19 -20.18 23.69 -5.17
N ASN A 20 -18.87 23.50 -5.23
CA ASN A 20 -18.12 22.89 -4.12
C ASN A 20 -18.10 23.78 -2.87
N TYR A 21 -17.92 25.09 -3.06
CA TYR A 21 -17.81 26.01 -1.92
C TYR A 21 -19.15 26.29 -1.24
N MET A 22 -20.10 26.82 -2.00
CA MET A 22 -21.41 27.22 -1.46
C MET A 22 -22.25 26.03 -1.02
N GLY A 23 -22.04 24.88 -1.67
CA GLY A 23 -22.61 23.62 -1.22
C GLY A 23 -21.94 23.11 0.04
N ALA A 24 -20.96 22.22 -0.14
CA ALA A 24 -20.37 21.45 0.96
C ALA A 24 -19.42 22.24 1.85
N LEU A 25 -18.49 23.00 1.26
CA LEU A 25 -17.38 23.59 2.03
C LEU A 25 -17.77 24.65 3.06
N ARG A 26 -18.50 25.67 2.62
CA ARG A 26 -18.98 26.76 3.50
C ARG A 26 -19.79 26.22 4.68
N GLN A 27 -20.60 25.20 4.41
CA GLN A 27 -21.32 24.43 5.42
C GLN A 27 -20.36 23.89 6.50
N TRP A 28 -19.33 23.19 6.06
CA TRP A 28 -18.36 22.56 6.98
C TRP A 28 -17.42 23.53 7.70
N VAL A 29 -17.12 24.67 7.07
CA VAL A 29 -16.37 25.75 7.72
C VAL A 29 -17.09 26.25 8.98
N ASN A 30 -18.43 26.32 8.91
CA ASN A 30 -19.26 26.75 10.04
C ASN A 30 -19.51 25.67 11.12
N MET A 31 -19.11 24.43 10.88
CA MET A 31 -19.26 23.32 11.84
C MET A 31 -17.93 22.83 12.43
N GLN A 32 -16.93 23.71 12.47
CA GLN A 32 -15.60 23.34 12.99
C GLN A 32 -15.54 23.26 14.52
N ASP A 33 -16.40 23.99 15.21
CA ASP A 33 -16.54 23.89 16.67
C ASP A 33 -17.52 22.81 17.12
N ASP A 34 -18.31 22.27 16.20
CA ASP A 34 -19.27 21.20 16.49
C ASP A 34 -18.63 19.81 16.40
N TYR A 35 -17.70 19.64 15.45
CA TYR A 35 -17.04 18.36 15.19
C TYR A 35 -15.52 18.49 15.25
N HIS A 36 -14.87 17.34 15.41
CA HIS A 36 -13.41 17.22 15.29
C HIS A 36 -13.13 16.86 13.83
N CYS A 37 -12.97 17.88 12.98
CA CYS A 37 -12.82 17.69 11.54
C CYS A 37 -11.38 17.41 11.15
N ILE A 38 -11.20 16.43 10.27
CA ILE A 38 -9.89 16.08 9.71
C ILE A 38 -9.97 16.26 8.20
N TYR A 39 -9.04 17.05 7.65
CA TYR A 39 -8.92 17.27 6.20
C TYR A 39 -7.58 16.72 5.71
N CYS A 40 -7.62 15.72 4.84
CA CYS A 40 -6.43 15.05 4.34
C CYS A 40 -6.26 15.35 2.85
N ILE A 41 -5.17 16.02 2.50
CA ILE A 41 -4.84 16.28 1.09
C ILE A 41 -4.23 14.99 0.55
N VAL A 42 -4.98 14.31 -0.32
CA VAL A 42 -4.67 12.93 -0.70
C VAL A 42 -3.75 12.81 -1.92
N ASP A 43 -2.47 13.16 -1.73
CA ASP A 43 -1.46 13.07 -2.78
C ASP A 43 -1.09 11.62 -3.16
N GLN A 44 -1.20 10.68 -2.22
CA GLN A 44 -0.99 9.26 -2.52
C GLN A 44 -2.11 8.66 -3.39
N HIS A 45 -3.34 9.11 -3.19
CA HIS A 45 -4.45 8.74 -4.09
C HIS A 45 -4.29 9.36 -5.49
N ALA A 46 -3.75 10.58 -5.55
CA ALA A 46 -3.60 11.34 -6.80
C ALA A 46 -2.70 10.65 -7.85
N ILE A 47 -1.64 9.97 -7.38
CA ILE A 47 -0.69 9.29 -8.28
C ILE A 47 -1.20 8.00 -8.95
N THR A 48 -2.40 7.53 -8.59
CA THR A 48 -3.08 6.44 -9.31
C THR A 48 -3.33 6.78 -10.79
N VAL A 49 -3.51 8.06 -11.08
CA VAL A 49 -3.46 8.59 -12.45
C VAL A 49 -2.09 9.27 -12.58
N ARG A 50 -1.47 9.15 -13.75
CA ARG A 50 -0.12 9.69 -13.97
C ARG A 50 -0.14 11.22 -13.97
N GLN A 51 0.79 11.80 -13.21
CA GLN A 51 0.85 13.25 -12.96
C GLN A 51 2.20 13.80 -13.40
N ASP A 52 2.20 15.07 -13.79
CA ASP A 52 3.45 15.82 -13.90
C ASP A 52 3.88 16.16 -12.47
N ALA A 53 5.15 15.86 -12.16
CA ALA A 53 5.68 15.98 -10.79
C ALA A 53 5.56 17.40 -10.23
N GLN A 54 5.97 18.37 -11.02
CA GLN A 54 5.94 19.78 -10.62
C GLN A 54 4.52 20.33 -10.45
N LYS A 55 3.60 19.88 -11.30
CA LYS A 55 2.18 20.25 -11.19
C LYS A 55 1.52 19.68 -9.94
N LEU A 56 1.84 18.43 -9.60
CA LEU A 56 1.32 17.78 -8.39
C LEU A 56 1.77 18.48 -7.11
N ARG A 57 3.04 18.88 -7.06
CA ARG A 57 3.59 19.62 -5.92
C ARG A 57 2.90 20.97 -5.75
N LYS A 58 2.73 21.68 -6.86
CA LYS A 58 2.01 22.96 -6.90
C LYS A 58 0.54 22.79 -6.50
N ALA A 59 -0.12 21.79 -7.10
CA ALA A 59 -1.54 21.50 -6.82
C ALA A 59 -1.82 21.15 -5.36
N THR A 60 -0.87 20.47 -4.71
CA THR A 60 -0.95 20.17 -3.27
C THR A 60 -1.00 21.45 -2.44
N LEU A 61 -0.11 22.39 -2.76
CA LEU A 61 -0.04 23.68 -2.06
C LEU A 61 -1.20 24.60 -2.44
N ASP A 62 -1.64 24.55 -3.70
CA ASP A 62 -2.85 25.28 -4.15
C ASP A 62 -4.10 24.83 -3.39
N THR A 63 -4.22 23.53 -3.17
CA THR A 63 -5.34 22.95 -2.42
C THR A 63 -5.31 23.36 -0.94
N LEU A 64 -4.13 23.33 -0.32
CA LEU A 64 -3.99 23.74 1.08
C LEU A 64 -4.39 25.19 1.30
N ALA A 65 -3.87 26.09 0.46
CA ALA A 65 -4.17 27.52 0.54
C ALA A 65 -5.65 27.84 0.32
N LEU A 66 -6.27 27.16 -0.64
CA LEU A 66 -7.69 27.36 -0.97
C LEU A 66 -8.64 26.90 0.14
N TYR A 67 -8.31 25.78 0.80
CA TYR A 67 -9.06 25.32 1.98
C TYR A 67 -8.94 26.28 3.16
N LEU A 68 -7.75 26.81 3.38
CA LEU A 68 -7.52 27.85 4.39
C LEU A 68 -8.27 29.14 4.02
N ALA A 69 -8.23 29.49 2.72
CA ALA A 69 -8.96 30.64 2.19
C ALA A 69 -10.47 30.53 2.36
N CYS A 70 -11.01 29.33 2.14
CA CYS A 70 -12.45 29.07 2.35
C CYS A 70 -12.88 29.18 3.82
N GLY A 71 -11.94 28.96 4.74
CA GLY A 71 -12.17 29.16 6.18
C GLY A 71 -11.81 28.00 7.09
N ILE A 72 -11.15 26.97 6.57
CA ILE A 72 -10.66 25.87 7.42
C ILE A 72 -9.55 26.45 8.31
N ASP A 73 -9.74 26.29 9.61
CA ASP A 73 -8.87 26.86 10.63
C ASP A 73 -7.97 25.75 11.14
N PRO A 74 -6.64 25.87 10.92
CA PRO A 74 -5.72 24.81 11.38
C PRO A 74 -5.55 24.69 12.90
N GLU A 75 -6.00 25.69 13.67
CA GLU A 75 -6.06 25.58 15.13
C GLU A 75 -7.27 24.76 15.60
N LYS A 76 -8.40 24.89 14.90
CA LYS A 76 -9.64 24.16 15.23
C LYS A 76 -9.68 22.78 14.59
N SER A 77 -9.47 22.73 13.27
CA SER A 77 -9.45 21.48 12.51
C SER A 77 -8.03 20.99 12.25
N THR A 78 -7.91 19.72 11.89
CA THR A 78 -6.64 19.11 11.50
C THR A 78 -6.58 19.06 9.97
N ILE A 79 -5.61 19.75 9.38
CA ILE A 79 -5.38 19.69 7.93
C ILE A 79 -3.92 19.32 7.65
N PHE A 80 -3.72 18.33 6.78
CA PHE A 80 -2.38 17.79 6.50
C PHE A 80 -2.29 17.09 5.15
N VAL A 81 -1.07 16.82 4.73
CA VAL A 81 -0.77 16.11 3.49
C VAL A 81 -0.64 14.61 3.78
N GLN A 82 -1.35 13.78 3.01
CA GLN A 82 -1.45 12.33 3.25
C GLN A 82 -0.09 11.62 3.35
N SER A 83 0.81 11.92 2.42
CA SER A 83 2.13 11.29 2.36
C SER A 83 3.06 11.61 3.55
N HIS A 84 2.77 12.69 4.28
CA HIS A 84 3.55 13.08 5.46
C HIS A 84 3.29 12.21 6.69
N VAL A 85 2.22 11.42 6.67
CA VAL A 85 1.86 10.51 7.76
C VAL A 85 2.04 9.07 7.24
N PRO A 86 3.14 8.39 7.63
CA PRO A 86 3.41 7.01 7.16
C PRO A 86 2.34 5.97 7.52
N GLU A 87 1.60 6.21 8.60
CA GLU A 87 0.60 5.27 9.11
C GLU A 87 -0.49 4.89 8.11
N HIS A 88 -0.81 5.78 7.18
CA HIS A 88 -1.81 5.53 6.12
C HIS A 88 -1.43 4.35 5.23
N ALA A 89 -0.19 4.35 4.75
CA ALA A 89 0.34 3.25 3.94
C ALA A 89 0.50 1.97 4.76
N GLN A 90 0.96 2.12 6.01
CA GLN A 90 1.14 1.00 6.94
C GLN A 90 -0.16 0.25 7.20
N LEU A 91 -1.22 0.99 7.53
CA LEU A 91 -2.55 0.40 7.72
C LEU A 91 -3.16 -0.07 6.40
N GLY A 92 -2.87 0.66 5.31
CA GLY A 92 -3.32 0.28 3.98
C GLY A 92 -2.93 -1.13 3.62
N TRP A 93 -1.67 -1.48 3.82
CA TRP A 93 -1.18 -2.83 3.54
C TRP A 93 -1.85 -3.88 4.43
N ALA A 94 -1.90 -3.60 5.73
CA ALA A 94 -2.54 -4.50 6.68
C ALA A 94 -3.98 -4.81 6.27
N LEU A 95 -4.72 -3.76 5.88
CA LEU A 95 -6.11 -3.91 5.44
C LEU A 95 -6.29 -4.59 4.07
N ASN A 96 -5.27 -4.55 3.20
CA ASN A 96 -5.25 -5.38 1.98
C ASN A 96 -5.47 -6.86 2.29
N CYS A 97 -4.86 -7.33 3.37
CA CYS A 97 -4.96 -8.72 3.79
C CYS A 97 -6.31 -9.13 4.40
N TYR A 98 -7.16 -8.15 4.76
CA TYR A 98 -8.54 -8.40 5.21
C TYR A 98 -9.58 -7.82 4.24
N THR A 99 -9.20 -7.67 2.97
CA THR A 99 -10.11 -7.25 1.90
C THR A 99 -10.11 -8.33 0.83
N TYR A 100 -11.29 -8.81 0.45
CA TYR A 100 -11.41 -9.80 -0.62
C TYR A 100 -11.06 -9.20 -1.98
N PHE A 101 -10.44 -10.01 -2.83
CA PHE A 101 -10.14 -9.63 -4.22
C PHE A 101 -11.45 -9.35 -4.97
N GLY A 102 -12.42 -10.24 -4.80
CA GLY A 102 -13.78 -10.08 -5.34
C GLY A 102 -14.46 -8.74 -5.07
N GLU A 103 -14.24 -8.19 -3.88
CA GLU A 103 -14.78 -6.87 -3.51
C GLU A 103 -14.22 -5.74 -4.36
N LEU A 104 -12.90 -5.77 -4.62
CA LEU A 104 -12.24 -4.77 -5.48
C LEU A 104 -12.59 -4.92 -6.96
N SER A 105 -12.75 -6.17 -7.42
CA SER A 105 -13.22 -6.43 -8.79
C SER A 105 -14.67 -5.99 -9.00
N ARG A 106 -15.49 -6.10 -7.95
CA ARG A 106 -16.89 -5.63 -7.98
C ARG A 106 -17.06 -4.11 -7.94
N MET A 107 -16.03 -3.38 -7.53
CA MET A 107 -16.07 -1.91 -7.54
C MET A 107 -16.16 -1.42 -8.99
N THR A 108 -17.23 -0.69 -9.32
CA THR A 108 -17.45 -0.19 -10.67
C THR A 108 -16.53 0.98 -11.00
N ALA A 118 -8.21 -3.26 -19.61
CA ALA A 118 -8.55 -4.16 -18.51
C ALA A 118 -7.33 -4.57 -17.68
N GLU A 119 -6.35 -5.19 -18.34
CA GLU A 119 -5.07 -5.57 -17.72
C GLU A 119 -3.96 -4.51 -17.91
N ASN A 120 -4.31 -3.40 -18.57
CA ASN A 120 -3.43 -2.23 -18.73
C ASN A 120 -3.70 -1.14 -17.68
N ILE A 121 -4.54 -1.45 -16.69
CA ILE A 121 -4.80 -0.58 -15.54
C ILE A 121 -3.69 -0.81 -14.51
N ASN A 122 -3.25 0.27 -13.84
CA ASN A 122 -2.24 0.15 -12.79
C ASN A 122 -2.87 -0.38 -11.49
N ALA A 123 -2.10 -1.14 -10.73
CA ALA A 123 -2.57 -1.80 -9.50
C ALA A 123 -3.11 -0.81 -8.46
N GLY A 124 -2.56 0.40 -8.44
CA GLY A 124 -3.04 1.48 -7.57
C GLY A 124 -4.49 1.87 -7.82
N LEU A 125 -4.87 1.97 -9.09
CA LEU A 125 -6.24 2.32 -9.49
C LEU A 125 -7.24 1.21 -9.13
N PHE A 126 -6.78 -0.04 -9.15
CA PHE A 126 -7.56 -1.18 -8.68
C PHE A 126 -7.63 -1.23 -7.14
N ASP A 127 -6.54 -0.91 -6.47
CA ASP A 127 -6.38 -1.14 -5.03
C ASP A 127 -6.59 0.07 -4.10
N TYR A 128 -6.85 1.26 -4.65
CA TYR A 128 -6.97 2.48 -3.80
C TYR A 128 -8.15 2.51 -2.81
N PRO A 129 -9.25 1.77 -3.08
CA PRO A 129 -10.31 1.74 -2.05
C PRO A 129 -9.89 1.16 -0.69
N VAL A 130 -8.84 0.35 -0.65
CA VAL A 130 -8.30 -0.19 0.60
C VAL A 130 -7.50 0.89 1.33
N LEU A 131 -6.70 1.68 0.60
CA LEU A 131 -5.99 2.83 1.19
C LEU A 131 -6.99 3.87 1.71
N MET A 132 -8.06 4.09 0.95
CA MET A 132 -9.17 4.95 1.36
C MET A 132 -9.83 4.48 2.67
N ALA A 133 -10.01 3.17 2.82
CA ALA A 133 -10.51 2.58 4.06
C ALA A 133 -9.56 2.85 5.23
N ALA A 134 -8.25 2.68 4.99
CA ALA A 134 -7.22 2.94 6.00
C ALA A 134 -7.17 4.42 6.43
N ASP A 135 -7.33 5.34 5.46
CA ASP A 135 -7.40 6.78 5.74
C ASP A 135 -8.46 7.10 6.80
N ILE A 136 -9.65 6.51 6.61
CA ILE A 136 -10.79 6.75 7.49
C ILE A 136 -10.61 6.05 8.84
N LEU A 137 -10.27 4.76 8.80
CA LEU A 137 -10.19 3.93 10.00
C LEU A 137 -9.03 4.27 10.96
N LEU A 138 -7.98 4.92 10.44
CA LEU A 138 -6.85 5.38 11.28
C LEU A 138 -7.26 6.32 12.42
N TYR A 139 -8.20 7.21 12.14
CA TYR A 139 -8.54 8.30 13.06
C TYR A 139 -9.84 8.04 13.85
N GLN A 140 -10.21 6.78 14.04
CA GLN A 140 -11.42 6.40 14.78
C GLN A 140 -12.63 7.23 14.31
N THR A 141 -12.80 7.31 12.99
CA THR A 141 -13.75 8.23 12.37
C THR A 141 -15.20 7.79 12.61
N ASN A 142 -16.04 8.77 12.95
CA ASN A 142 -17.48 8.55 13.15
C ASN A 142 -18.27 8.86 11.90
N LEU A 143 -17.99 10.01 11.27
CA LEU A 143 -18.76 10.51 10.12
C LEU A 143 -17.87 10.78 8.90
N VAL A 144 -18.39 10.46 7.71
CA VAL A 144 -17.69 10.71 6.44
C VAL A 144 -18.67 11.33 5.43
N PRO A 145 -18.49 12.63 5.10
CA PRO A 145 -19.33 13.23 4.06
C PRO A 145 -18.92 12.76 2.66
N VAL A 146 -19.80 12.03 1.99
CA VAL A 146 -19.53 11.46 0.67
C VAL A 146 -20.58 11.91 -0.36
N GLY A 147 -20.15 12.03 -1.60
CA GLY A 147 -21.06 12.11 -2.74
C GLY A 147 -21.56 10.71 -3.12
N GLU A 148 -22.47 10.65 -4.07
CA GLU A 148 -23.03 9.37 -4.56
C GLU A 148 -21.95 8.40 -5.06
N ASP A 149 -20.96 8.95 -5.76
CA ASP A 149 -19.82 8.18 -6.30
C ASP A 149 -18.92 7.48 -5.26
N GLN A 150 -18.85 8.04 -4.05
CA GLN A 150 -18.00 7.49 -2.97
C GLN A 150 -18.73 6.53 -2.01
N LYS A 151 -20.00 6.22 -2.27
CA LYS A 151 -20.80 5.39 -1.36
C LYS A 151 -20.37 3.92 -1.29
N GLN A 152 -19.99 3.36 -2.44
CA GLN A 152 -19.49 1.97 -2.50
C GLN A 152 -18.17 1.82 -1.73
N HIS A 153 -17.36 2.88 -1.70
CA HIS A 153 -16.07 2.91 -0.99
C HIS A 153 -16.27 2.93 0.53
N LEU A 154 -17.25 3.70 0.99
CA LEU A 154 -17.59 3.77 2.40
C LEU A 154 -18.13 2.44 2.94
N GLU A 155 -18.99 1.78 2.16
CA GLU A 155 -19.49 0.44 2.53
C GLU A 155 -18.36 -0.57 2.69
N LEU A 156 -17.39 -0.54 1.77
CA LEU A 156 -16.19 -1.38 1.88
C LEU A 156 -15.40 -1.10 3.17
N SER A 157 -15.23 0.17 3.50
CA SER A 157 -14.56 0.60 4.74
C SER A 157 -15.30 0.11 5.98
N ARG A 158 -16.63 0.18 5.93
CA ARG A 158 -17.49 -0.33 7.02
C ARG A 158 -17.43 -1.85 7.12
N ASP A 159 -17.40 -2.53 5.98
CA ASP A 159 -17.28 -4.00 5.95
C ASP A 159 -15.92 -4.49 6.43
N ILE A 160 -14.85 -3.79 6.07
CA ILE A 160 -13.50 -4.09 6.55
C ILE A 160 -13.42 -3.93 8.08
N ALA A 161 -13.95 -2.83 8.60
CA ALA A 161 -13.92 -2.54 10.04
C ALA A 161 -14.65 -3.59 10.87
N GLN A 162 -15.84 -3.99 10.41
CA GLN A 162 -16.65 -5.02 11.08
C GLN A 162 -16.00 -6.41 11.00
N ARG A 163 -15.40 -6.71 9.84
CA ARG A 163 -14.67 -7.97 9.63
C ARG A 163 -13.44 -8.08 10.53
N PHE A 164 -12.69 -6.99 10.65
CA PHE A 164 -11.50 -6.94 11.50
C PHE A 164 -11.88 -7.01 12.98
N ASN A 165 -12.89 -6.24 13.38
CA ASN A 165 -13.36 -6.23 14.77
C ASN A 165 -13.91 -7.58 15.25
N ALA A 166 -14.60 -8.28 14.35
CA ALA A 166 -15.11 -9.63 14.63
C ALA A 166 -14.00 -10.63 14.95
N LEU A 167 -12.84 -10.47 14.32
CA LEU A 167 -11.68 -11.33 14.55
C LEU A 167 -10.89 -10.97 15.81
N TYR A 168 -10.69 -9.67 16.06
CA TYR A 168 -9.75 -9.20 17.09
C TYR A 168 -10.34 -8.36 18.25
N GLY A 169 -11.65 -8.10 18.22
CA GLY A 169 -12.29 -7.20 19.19
C GLY A 169 -12.39 -5.78 18.66
N GLU A 170 -12.90 -4.87 19.49
CA GLU A 170 -13.28 -3.52 19.04
C GLU A 170 -12.07 -2.60 18.87
N ILE A 171 -11.37 -2.75 17.74
CA ILE A 171 -10.21 -1.93 17.39
C ILE A 171 -10.67 -0.65 16.68
N PHE A 172 -11.47 -0.82 15.63
CA PHE A 172 -11.96 0.30 14.81
C PHE A 172 -13.36 0.77 15.20
N LYS A 173 -13.62 2.05 14.90
CA LYS A 173 -14.99 2.55 14.81
C LYS A 173 -15.51 2.19 13.43
N VAL A 174 -16.79 1.79 13.38
CA VAL A 174 -17.48 1.58 12.11
C VAL A 174 -18.00 2.96 11.69
N PRO A 175 -17.46 3.54 10.60
CA PRO A 175 -17.88 4.90 10.24
C PRO A 175 -19.28 4.96 9.65
N GLU A 176 -19.91 6.13 9.71
CA GLU A 176 -21.22 6.38 9.13
C GLU A 176 -21.12 7.50 8.10
N PRO A 177 -22.00 7.49 7.08
CA PRO A 177 -22.06 8.64 6.19
C PRO A 177 -22.73 9.84 6.85
N PHE A 178 -22.31 11.04 6.47
CA PHE A 178 -22.96 12.28 6.89
C PHE A 178 -24.14 12.50 5.95
N ILE A 179 -25.35 12.24 6.43
CA ILE A 179 -26.56 12.23 5.59
C ILE A 179 -27.00 13.62 5.11
N PRO A 180 -27.14 14.61 6.04
CA PRO A 180 -27.72 15.91 5.70
C PRO A 180 -26.99 16.70 4.61
N LYS A 181 -27.74 17.13 3.59
CA LYS A 181 -27.20 17.94 2.50
C LYS A 181 -27.20 19.42 2.89
N SER A 182 -26.38 20.20 2.21
CA SER A 182 -26.22 21.64 2.49
C SER A 182 -27.50 22.43 2.24
N ALA A 184 -28.14 24.35 -0.87
CA ALA A 184 -27.29 25.01 -1.87
C ALA A 184 -27.20 24.19 -3.16
N ARG A 185 -28.06 24.55 -4.11
CA ARG A 185 -28.17 23.87 -5.39
C ARG A 185 -27.43 24.67 -6.46
N VAL A 186 -26.37 24.10 -7.04
CA VAL A 186 -25.62 24.77 -8.10
C VAL A 186 -25.46 23.81 -9.28
N MET A 187 -26.12 24.16 -10.39
CA MET A 187 -26.16 23.33 -11.59
C MET A 187 -25.25 23.88 -12.68
N SER A 188 -24.99 23.05 -13.69
CA SER A 188 -24.13 23.41 -14.81
C SER A 188 -24.79 24.49 -15.67
N LEU A 189 -23.99 25.46 -16.12
CA LEU A 189 -24.52 26.66 -16.77
C LEU A 189 -25.16 26.40 -18.15
N LEU A 190 -24.63 25.44 -18.89
CA LEU A 190 -25.18 25.06 -20.21
C LEU A 190 -26.00 23.76 -20.19
N GLU A 191 -25.97 23.02 -19.08
CA GLU A 191 -26.82 21.85 -18.85
C GLU A 191 -27.40 21.93 -17.43
N PRO A 192 -28.37 22.86 -17.21
CA PRO A 192 -28.90 23.11 -15.85
C PRO A 192 -29.62 21.93 -15.19
N THR A 193 -29.92 20.88 -15.96
CA THR A 193 -30.33 19.59 -15.42
C THR A 193 -29.19 18.88 -14.66
N LYS A 194 -27.97 18.94 -15.21
CA LYS A 194 -26.79 18.34 -14.58
C LYS A 194 -26.16 19.28 -13.55
N LYS A 195 -25.70 18.71 -12.43
CA LYS A 195 -25.06 19.48 -11.36
C LYS A 195 -23.69 20.01 -11.78
N MET A 196 -23.28 21.13 -11.18
CA MET A 196 -21.96 21.72 -11.46
C MET A 196 -20.88 20.88 -10.78
N SER A 197 -20.10 20.16 -11.60
CA SER A 197 -19.07 19.24 -11.12
C SER A 197 -17.68 19.76 -11.48
N LYS A 198 -16.75 19.65 -10.54
CA LYS A 198 -15.34 19.99 -10.77
C LYS A 198 -14.66 19.07 -11.79
N SER A 199 -15.18 17.86 -11.95
CA SER A 199 -14.68 16.90 -12.94
C SER A 199 -15.21 17.10 -14.38
N ASP A 200 -16.12 18.06 -14.59
CA ASP A 200 -16.76 18.28 -15.90
C ASP A 200 -15.73 18.51 -17.00
N ASP A 201 -15.93 17.84 -18.14
CA ASP A 201 -15.06 17.98 -19.31
C ASP A 201 -15.09 19.40 -19.86
N ASN A 202 -16.30 19.94 -20.01
CA ASN A 202 -16.51 21.32 -20.47
C ASN A 202 -16.44 22.27 -19.28
N ARG A 203 -15.53 23.26 -19.35
CA ARG A 203 -15.36 24.24 -18.27
C ARG A 203 -16.23 25.49 -18.40
N ASN A 204 -16.87 25.70 -19.56
CA ASN A 204 -17.93 26.71 -19.68
C ASN A 204 -19.17 26.40 -18.80
N ASN A 205 -19.34 25.12 -18.44
CA ASN A 205 -20.37 24.71 -17.47
C ASN A 205 -20.12 25.16 -16.02
N VAL A 206 -18.88 25.47 -15.65
CA VAL A 206 -18.51 25.72 -14.24
C VAL A 206 -17.89 27.10 -14.03
N ILE A 207 -17.98 27.58 -12.78
CA ILE A 207 -17.34 28.81 -12.32
C ILE A 207 -16.33 28.42 -11.24
N GLY A 208 -15.04 28.42 -11.60
CA GLY A 208 -13.97 28.14 -10.64
C GLY A 208 -13.81 29.24 -9.59
N LEU A 209 -13.31 28.86 -8.42
CA LEU A 209 -13.15 29.80 -7.30
C LEU A 209 -12.08 30.87 -7.53
N LEU A 210 -11.13 30.61 -8.44
CA LEU A 210 -10.07 31.55 -8.77
C LEU A 210 -10.28 32.29 -10.12
N GLU A 211 -11.51 32.32 -10.62
CA GLU A 211 -11.84 33.04 -11.85
C GLU A 211 -12.03 34.53 -11.58
N ASP A 212 -11.58 35.36 -12.52
CA ASP A 212 -11.67 36.83 -12.40
C ASP A 212 -13.06 37.35 -12.85
N PRO A 213 -13.40 38.62 -12.51
CA PRO A 213 -14.68 39.23 -12.92
C PRO A 213 -15.07 39.07 -14.41
N LYS A 214 -14.10 39.22 -15.30
CA LYS A 214 -14.36 39.12 -16.75
C LYS A 214 -14.72 37.71 -17.23
N SER A 215 -14.10 36.69 -16.62
CA SER A 215 -14.37 35.29 -16.98
C SER A 215 -15.75 34.81 -16.50
N VAL A 216 -16.14 35.25 -15.31
CA VAL A 216 -17.47 34.93 -14.74
C VAL A 216 -18.57 35.58 -15.58
N VAL A 217 -18.43 36.88 -15.85
CA VAL A 217 -19.38 37.62 -16.72
C VAL A 217 -19.63 36.89 -18.04
N LYS A 218 -18.54 36.49 -18.71
CA LYS A 218 -18.60 35.76 -19.98
C LYS A 218 -19.36 34.44 -19.87
N LYS A 219 -19.08 33.67 -18.82
CA LYS A 219 -19.74 32.39 -18.58
C LYS A 219 -21.20 32.53 -18.13
N ILE A 220 -21.47 33.49 -17.26
CA ILE A 220 -22.85 33.78 -16.79
C ILE A 220 -23.72 34.30 -17.94
N LYS A 221 -23.17 35.21 -18.76
CA LYS A 221 -23.89 35.76 -19.92
C LYS A 221 -24.30 34.69 -20.94
N ARG A 222 -23.45 33.68 -21.11
CA ARG A 222 -23.73 32.56 -22.03
C ARG A 222 -24.57 31.43 -21.41
N ALA A 223 -24.96 31.56 -20.15
CA ALA A 223 -25.76 30.55 -19.46
C ALA A 223 -27.14 30.40 -20.10
N VAL A 224 -27.56 29.15 -20.27
CA VAL A 224 -28.84 28.81 -20.90
C VAL A 224 -29.98 29.23 -19.98
N THR A 225 -31.00 29.87 -20.55
CA THR A 225 -32.21 30.27 -19.81
C THR A 225 -33.43 29.57 -20.43
N ASP A 226 -34.33 30.30 -21.08
CA ASP A 226 -35.52 29.73 -21.73
C ASP A 226 -36.12 30.72 -22.73
N SER A 227 -37.11 30.27 -23.48
CA SER A 227 -37.78 31.09 -24.51
C SER A 227 -39.20 31.52 -24.11
N ASP A 228 -39.41 31.79 -22.82
CA ASP A 228 -40.71 32.31 -22.34
C ASP A 228 -40.97 33.71 -22.88
N GLU A 229 -42.24 34.00 -23.14
CA GLU A 229 -42.68 35.28 -23.67
C GLU A 229 -43.95 35.70 -22.92
N PRO A 230 -43.92 36.78 -22.12
CA PRO A 230 -42.72 37.60 -21.86
C PRO A 230 -41.65 36.86 -21.05
N PRO A 231 -40.38 37.31 -21.13
CA PRO A 231 -39.38 36.79 -20.20
C PRO A 231 -39.76 37.13 -18.76
N VAL A 232 -39.70 36.14 -17.88
CA VAL A 232 -40.13 36.31 -16.49
C VAL A 232 -39.18 35.56 -15.54
N VAL A 233 -38.67 36.28 -14.54
CA VAL A 233 -37.76 35.70 -13.54
C VAL A 233 -38.59 35.06 -12.43
N ARG A 234 -38.89 33.77 -12.61
CA ARG A 234 -39.63 32.98 -11.62
C ARG A 234 -39.01 31.59 -11.49
N TYR A 235 -39.06 31.05 -10.27
CA TYR A 235 -38.45 29.77 -9.94
C TYR A 235 -39.34 28.62 -10.39
N ASP A 236 -38.77 27.72 -11.19
CA ASP A 236 -39.49 26.57 -11.74
C ASP A 236 -38.44 25.64 -12.37
N VAL A 237 -38.04 24.60 -11.65
CA VAL A 237 -36.96 23.70 -12.10
C VAL A 237 -37.40 22.84 -13.29
N GLN A 238 -38.66 22.40 -13.30
CA GLN A 238 -39.21 21.59 -14.39
C GLN A 238 -39.17 22.30 -15.75
N ASN A 239 -39.65 23.54 -15.77
CA ASN A 239 -39.83 24.31 -17.01
C ASN A 239 -38.79 25.41 -17.27
N LYS A 240 -38.15 25.91 -16.21
CA LYS A 240 -37.19 27.03 -16.32
C LYS A 240 -35.90 26.72 -15.55
N ALA A 241 -35.25 25.61 -15.93
CA ALA A 241 -34.05 25.11 -15.24
C ALA A 241 -32.91 26.14 -15.17
N GLY A 242 -32.67 26.83 -16.27
CA GLY A 242 -31.60 27.83 -16.36
C GLY A 242 -31.79 29.06 -15.50
N VAL A 243 -32.98 29.67 -15.61
CA VAL A 243 -33.36 30.83 -14.81
C VAL A 243 -33.39 30.48 -13.32
N SER A 244 -33.92 29.30 -13.01
CA SER A 244 -33.97 28.79 -11.63
C SER A 244 -32.59 28.56 -11.02
N ASN A 245 -31.67 28.04 -11.83
CA ASN A 245 -30.28 27.85 -11.42
C ASN A 245 -29.60 29.18 -11.06
N LEU A 246 -29.86 30.21 -11.88
CA LEU A 246 -29.32 31.56 -11.63
C LEU A 246 -29.85 32.17 -10.32
N LEU A 247 -31.13 31.95 -10.05
CA LEU A 247 -31.75 32.38 -8.79
C LEU A 247 -31.18 31.65 -7.58
N ASP A 248 -31.02 30.34 -7.70
CA ASP A 248 -30.39 29.51 -6.66
C ASP A 248 -28.97 29.99 -6.34
N ILE A 249 -28.17 30.19 -7.39
CA ILE A 249 -26.81 30.73 -7.25
C ILE A 249 -26.85 32.09 -6.54
N LEU A 250 -27.74 32.98 -6.97
CA LEU A 250 -27.88 34.31 -6.36
C LEU A 250 -28.35 34.23 -4.91
N SER A 251 -29.27 33.31 -4.63
CA SER A 251 -29.76 33.05 -3.27
C SER A 251 -28.62 32.58 -2.35
N ALA A 252 -27.84 31.63 -2.84
CA ALA A 252 -26.68 31.08 -2.11
C ALA A 252 -25.63 32.14 -1.75
N VAL A 253 -25.34 33.05 -2.68
CA VAL A 253 -24.34 34.10 -2.45
C VAL A 253 -24.85 35.13 -1.44
N THR A 254 -25.97 35.77 -1.77
CA THR A 254 -26.47 36.93 -1.00
C THR A 254 -27.22 36.56 0.28
N GLY A 255 -27.79 35.35 0.33
CA GLY A 255 -28.62 34.92 1.46
C GLY A 255 -30.09 35.32 1.37
N GLN A 256 -30.48 36.04 0.32
CA GLN A 256 -31.87 36.43 0.08
C GLN A 256 -32.67 35.22 -0.35
N SER A 257 -33.95 35.17 0.03
CA SER A 257 -34.82 34.06 -0.35
C SER A 257 -35.21 34.15 -1.82
N ILE A 258 -35.61 33.01 -2.39
CA ILE A 258 -36.06 32.94 -3.78
C ILE A 258 -37.29 33.85 -4.01
N PRO A 259 -38.37 33.73 -3.19
CA PRO A 259 -39.50 34.65 -3.35
C PRO A 259 -39.19 36.14 -3.16
N GLU A 260 -38.22 36.47 -2.30
CA GLU A 260 -37.71 37.84 -2.20
C GLU A 260 -37.05 38.28 -3.51
N LEU A 261 -36.25 37.41 -4.10
CA LEU A 261 -35.59 37.70 -5.40
C LEU A 261 -36.59 37.79 -6.55
N GLU A 262 -37.61 36.93 -6.55
CA GLU A 262 -38.71 37.01 -7.53
C GLU A 262 -39.44 38.36 -7.47
N LYS A 263 -39.62 38.89 -6.26
CA LYS A 263 -40.16 40.25 -6.07
C LYS A 263 -39.21 41.33 -6.59
N GLN A 264 -37.91 41.16 -6.30
CA GLN A 264 -36.86 42.09 -6.77
C GLN A 264 -36.78 42.18 -8.29
N PHE A 265 -36.89 41.05 -8.99
CA PHE A 265 -36.79 40.98 -10.45
C PHE A 265 -38.16 41.03 -11.18
N GLU A 266 -39.20 41.53 -10.51
CA GLU A 266 -40.52 41.67 -11.14
C GLU A 266 -40.47 42.74 -12.23
N GLY A 267 -40.88 42.37 -13.43
CA GLY A 267 -40.80 43.25 -14.60
C GLY A 267 -39.40 43.48 -15.14
N LYS A 268 -38.48 42.56 -14.85
CA LYS A 268 -37.09 42.63 -15.31
C LYS A 268 -36.80 41.42 -16.19
N MET A 269 -35.81 41.57 -17.08
CA MET A 269 -35.47 40.55 -18.08
C MET A 269 -34.27 39.72 -17.62
N TYR A 270 -33.92 38.69 -18.41
CA TYR A 270 -32.84 37.75 -18.04
C TYR A 270 -31.43 38.38 -18.08
N GLY A 271 -31.25 39.39 -18.92
CA GLY A 271 -29.98 40.13 -18.98
C GLY A 271 -29.63 40.83 -17.68
N HIS A 272 -30.64 41.41 -17.04
CA HIS A 272 -30.47 42.08 -15.74
C HIS A 272 -30.26 41.08 -14.59
N LEU A 273 -30.91 39.91 -14.66
CA LEU A 273 -30.65 38.81 -13.71
C LEU A 273 -29.19 38.38 -13.79
N LYS A 274 -28.76 38.04 -15.01
CA LYS A 274 -27.39 37.61 -15.29
C LYS A 274 -26.33 38.61 -14.82
N GLY A 275 -26.61 39.90 -14.96
CA GLY A 275 -25.73 40.96 -14.47
C GLY A 275 -25.60 41.00 -12.96
N GLU A 276 -26.71 40.85 -12.26
CA GLU A 276 -26.73 40.82 -10.78
C GLU A 276 -26.06 39.55 -10.23
N VAL A 277 -26.21 38.43 -10.94
CA VAL A 277 -25.57 37.15 -10.57
C VAL A 277 -24.05 37.22 -10.76
N ALA A 278 -23.61 37.79 -11.89
CA ALA A 278 -22.18 37.97 -12.17
C ALA A 278 -21.51 38.89 -11.13
N ASP A 279 -22.15 40.04 -10.89
CA ASP A 279 -21.73 41.00 -9.86
C ASP A 279 -21.59 40.36 -8.47
N ALA A 280 -22.60 39.58 -8.06
CA ALA A 280 -22.65 38.99 -6.73
C ALA A 280 -21.62 37.88 -6.54
N VAL A 281 -21.55 36.96 -7.51
CA VAL A 281 -20.59 35.84 -7.46
C VAL A 281 -19.14 36.36 -7.43
N SER A 282 -18.84 37.34 -8.27
CA SER A 282 -17.50 37.96 -8.29
C SER A 282 -17.16 38.72 -7.01
N GLY A 283 -18.17 39.28 -6.35
CA GLY A 283 -18.01 39.91 -5.03
C GLY A 283 -17.61 38.91 -3.97
N MET A 284 -18.25 37.74 -3.99
CA MET A 284 -17.90 36.61 -3.11
C MET A 284 -16.50 36.07 -3.43
N LEU A 285 -16.24 35.81 -4.71
CA LEU A 285 -14.97 35.23 -5.16
C LEU A 285 -13.75 36.13 -4.93
N THR A 286 -13.91 37.44 -5.03
CA THR A 286 -12.80 38.38 -4.90
C THR A 286 -12.23 38.42 -3.47
N GLU A 287 -13.10 38.33 -2.46
CA GLU A 287 -12.68 38.20 -1.05
C GLU A 287 -11.95 36.88 -0.79
N LEU A 288 -12.45 35.80 -1.40
CA LEU A 288 -11.86 34.47 -1.27
C LEU A 288 -10.46 34.41 -1.93
N GLN A 289 -10.29 35.12 -3.03
CA GLN A 289 -9.01 35.21 -3.74
C GLN A 289 -7.97 36.04 -3.00
N GLU A 290 -8.40 37.11 -2.32
CA GLU A 290 -7.51 37.89 -1.44
C GLU A 290 -6.87 37.00 -0.38
N ARG A 291 -7.71 36.17 0.25
CA ARG A 291 -7.26 35.20 1.25
C ARG A 291 -6.35 34.14 0.64
N TYR A 292 -6.78 33.55 -0.48
CA TYR A 292 -6.02 32.51 -1.18
C TYR A 292 -4.60 32.96 -1.51
N HIS A 293 -4.49 34.06 -2.24
CA HIS A 293 -3.19 34.59 -2.67
C HIS A 293 -2.29 34.98 -1.50
N ARG A 294 -2.88 35.47 -0.41
CA ARG A 294 -2.11 35.82 0.80
C ARG A 294 -1.52 34.58 1.47
N PHE A 295 -2.34 33.55 1.66
CA PHE A 295 -1.88 32.27 2.23
C PHE A 295 -0.92 31.53 1.29
N ARG A 296 -1.27 31.47 0.01
CA ARG A 296 -0.51 30.71 -0.98
C ARG A 296 0.91 31.26 -1.21
N ASN A 297 1.06 32.57 -1.15
CA ASN A 297 2.36 33.23 -1.35
C ASN A 297 3.28 33.18 -0.12
N ASP A 298 2.73 32.85 1.05
CA ASP A 298 3.52 32.73 2.29
C ASP A 298 3.93 31.26 2.51
N GLU A 299 5.15 30.92 2.07
CA GLU A 299 5.67 29.55 2.17
C GLU A 299 5.95 29.11 3.61
N ALA A 300 6.44 30.03 4.44
CA ALA A 300 6.70 29.76 5.85
C ALA A 300 5.43 29.38 6.63
N PHE A 301 4.32 30.04 6.30
CA PHE A 301 3.02 29.74 6.89
C PHE A 301 2.49 28.38 6.44
N LEU A 302 2.57 28.09 5.15
CA LEU A 302 2.12 26.80 4.60
C LEU A 302 2.92 25.61 5.15
N GLN A 303 4.24 25.79 5.28
CA GLN A 303 5.12 24.79 5.92
C GLN A 303 4.75 24.52 7.38
N GLN A 304 4.48 25.59 8.13
CA GLN A 304 4.12 25.46 9.55
C GLN A 304 2.75 24.82 9.75
N VAL A 305 1.80 25.15 8.88
CA VAL A 305 0.48 24.49 8.84
C VAL A 305 0.60 22.98 8.58
N MET A 306 1.43 22.61 7.60
CA MET A 306 1.63 21.20 7.23
C MET A 306 2.34 20.37 8.31
N LYS A 307 3.32 20.97 8.97
CA LYS A 307 4.07 20.32 10.06
C LYS A 307 3.17 20.02 11.26
N ASP A 308 2.45 21.05 11.72
CA ASP A 308 1.54 20.92 12.86
C ASP A 308 0.44 19.89 12.61
N GLY A 309 -0.14 19.92 11.42
CA GLY A 309 -1.19 19.00 11.02
C GLY A 309 -0.73 17.55 10.94
N ALA A 310 0.40 17.33 10.28
CA ALA A 310 1.02 16.00 10.21
C ALA A 310 1.41 15.48 11.59
N GLU A 311 1.93 16.37 12.44
CA GLU A 311 2.27 16.03 13.83
C GLU A 311 1.02 15.60 14.63
N LYS A 312 -0.07 16.34 14.45
CA LYS A 312 -1.36 16.01 15.09
C LYS A 312 -1.94 14.69 14.60
N ALA A 313 -1.96 14.52 13.28
CA ALA A 313 -2.48 13.29 12.65
C ALA A 313 -1.66 12.06 13.03
N SER A 314 -0.33 12.19 12.97
CA SER A 314 0.58 11.07 13.30
C SER A 314 0.47 10.59 14.75
N ALA A 315 0.22 11.50 15.68
CA ALA A 315 0.01 11.15 17.09
C ALA A 315 -1.24 10.27 17.28
N HIS A 316 -2.33 10.64 16.61
CA HIS A 316 -3.57 9.87 16.66
C HIS A 316 -3.50 8.59 15.83
N ALA A 317 -2.93 8.69 14.63
CA ALA A 317 -2.78 7.56 13.71
C ALA A 317 -1.92 6.43 14.30
N SER A 318 -0.86 6.79 15.00
CA SER A 318 0.04 5.81 15.64
C SER A 318 -0.63 5.03 16.76
N ARG A 319 -1.53 5.68 17.51
CA ARG A 319 -2.31 5.01 18.57
C ARG A 319 -3.17 3.87 18.04
N THR A 320 -3.86 4.13 16.91
CA THR A 320 -4.69 3.12 16.25
C THR A 320 -3.84 2.00 15.63
N LEU A 321 -2.79 2.37 14.91
CA LEU A 321 -1.90 1.40 14.24
C LEU A 321 -1.23 0.45 15.22
N LYS A 322 -0.82 0.98 16.37
CA LYS A 322 -0.21 0.15 17.44
C LYS A 322 -1.18 -0.91 17.95
N ALA A 323 -2.45 -0.53 18.11
CA ALA A 323 -3.51 -1.47 18.48
C ALA A 323 -3.82 -2.49 17.38
N VAL A 324 -3.80 -2.02 16.13
CA VAL A 324 -3.95 -2.91 14.96
C VAL A 324 -2.81 -3.92 14.89
N TYR A 325 -1.58 -3.43 15.05
CA TYR A 325 -0.37 -4.28 15.01
C TYR A 325 -0.27 -5.26 16.19
N GLU A 326 -0.69 -4.83 17.37
CA GLU A 326 -0.76 -5.71 18.55
C GLU A 326 -1.80 -6.82 18.36
N ALA A 327 -2.94 -6.47 17.77
CA ALA A 327 -4.02 -7.44 17.51
C ALA A 327 -3.63 -8.51 16.50
N ILE A 328 -3.05 -8.09 15.38
CA ILE A 328 -2.57 -9.00 14.32
C ILE A 328 -1.49 -9.95 14.85
N GLY A 329 -0.64 -9.44 15.73
CA GLY A 329 0.40 -10.24 16.38
C GLY A 329 1.82 -9.99 15.89
N PHE A 330 2.10 -8.79 15.38
CA PHE A 330 3.46 -8.41 15.03
C PHE A 330 4.29 -8.20 16.29
N VAL A 331 5.60 -8.47 16.19
CA VAL A 331 6.54 -8.14 17.26
C VAL A 331 6.60 -6.61 17.35
N ALA A 332 6.49 -6.09 18.58
CA ALA A 332 6.50 -4.64 18.80
C ALA A 332 7.86 -4.04 18.43
N LYS A 333 7.82 -2.86 17.82
CA LYS A 333 9.01 -2.16 17.37
C LYS A 333 9.85 -1.70 18.56
N ARG A 334 11.18 -1.81 18.43
CA ARG A 334 12.12 -1.36 19.45
C ARG A 334 12.52 0.09 19.15
N HIS A 335 12.36 0.98 20.13
CA HIS A 335 12.59 2.42 19.93
C HIS A 335 13.82 2.94 20.68
N HIS A 336 14.15 4.21 20.42
CA HIS A 336 15.14 4.95 21.22
C HIS A 336 14.88 6.45 21.15
N THR B 2 31.78 2.02 -1.44
CA THR B 2 30.92 1.05 -0.67
C THR B 2 30.68 -0.24 -1.45
N LYS B 3 30.41 -1.32 -0.72
CA LYS B 3 30.18 -2.63 -1.33
C LYS B 3 28.83 -2.68 -2.05
N PRO B 4 28.69 -3.58 -3.05
CA PRO B 4 27.36 -3.84 -3.61
C PRO B 4 26.44 -4.45 -2.55
N ILE B 5 25.14 -4.22 -2.70
CA ILE B 5 24.18 -4.55 -1.65
C ILE B 5 23.41 -5.84 -1.96
N VAL B 6 23.30 -6.68 -0.92
CA VAL B 6 22.51 -7.90 -0.95
C VAL B 6 21.29 -7.69 -0.06
N PHE B 7 20.10 -8.00 -0.60
CA PHE B 7 18.88 -8.04 0.20
C PHE B 7 18.09 -9.32 -0.08
N SER B 8 17.55 -9.91 0.99
CA SER B 8 16.62 -11.02 0.87
C SER B 8 15.78 -11.15 2.14
N GLY B 9 14.71 -11.95 2.07
CA GLY B 9 13.79 -12.12 3.18
C GLY B 9 13.10 -13.47 3.22
N ALA B 10 12.52 -13.79 4.37
CA ALA B 10 11.74 -15.02 4.54
C ALA B 10 10.54 -14.78 5.46
N GLN B 11 9.41 -15.41 5.13
CA GLN B 11 8.18 -15.24 5.89
C GLN B 11 8.25 -15.98 7.22
N PRO B 12 7.76 -15.35 8.32
CA PRO B 12 7.56 -16.08 9.57
C PRO B 12 6.16 -16.72 9.63
N SER B 13 5.91 -17.66 8.73
CA SER B 13 4.66 -18.44 8.68
C SER B 13 5.01 -19.89 8.40
N GLY B 14 4.31 -20.81 9.09
CA GLY B 14 4.67 -22.22 9.06
C GLY B 14 5.98 -22.46 9.80
N GLU B 15 6.76 -23.43 9.31
CA GLU B 15 8.06 -23.78 9.87
C GLU B 15 9.08 -23.98 8.76
N LEU B 16 10.13 -23.16 8.74
CA LEU B 16 11.13 -23.18 7.66
C LEU B 16 11.72 -24.57 7.42
N THR B 17 11.86 -24.92 6.15
CA THR B 17 12.27 -26.25 5.72
C THR B 17 13.73 -26.27 5.28
N ILE B 18 14.22 -27.47 4.97
CA ILE B 18 15.51 -27.65 4.29
C ILE B 18 15.50 -26.95 2.92
N GLY B 19 14.33 -26.93 2.26
CA GLY B 19 14.13 -26.17 1.02
C GLY B 19 14.51 -24.70 1.18
N ASN B 20 13.95 -24.06 2.21
CA ASN B 20 14.26 -22.65 2.51
C ASN B 20 15.75 -22.43 2.79
N TYR B 21 16.39 -23.40 3.43
CA TYR B 21 17.82 -23.31 3.76
C TYR B 21 18.72 -23.34 2.51
N MET B 22 18.47 -24.28 1.61
CA MET B 22 19.35 -24.51 0.44
C MET B 22 19.20 -23.42 -0.60
N GLY B 23 17.95 -23.08 -0.91
CA GLY B 23 17.64 -22.06 -1.90
C GLY B 23 17.98 -20.63 -1.50
N ALA B 24 18.02 -20.35 -0.20
CA ALA B 24 18.22 -18.98 0.29
C ALA B 24 19.27 -18.87 1.42
N LEU B 25 18.92 -19.32 2.63
CA LEU B 25 19.71 -19.03 3.86
C LEU B 25 21.19 -19.40 3.76
N ARG B 26 21.46 -20.55 3.15
CA ARG B 26 22.84 -21.01 2.87
C ARG B 26 23.67 -20.00 2.08
N GLN B 27 23.04 -19.35 1.11
CA GLN B 27 23.70 -18.31 0.31
C GLN B 27 23.87 -17.01 1.10
N TRP B 28 22.89 -16.73 1.96
CA TRP B 28 22.92 -15.54 2.81
C TRP B 28 24.14 -15.54 3.73
N VAL B 29 24.42 -16.69 4.34
CA VAL B 29 25.55 -16.85 5.27
C VAL B 29 26.88 -16.68 4.54
N ASN B 30 27.00 -17.28 3.36
CA ASN B 30 28.23 -17.25 2.56
C ASN B 30 28.55 -15.89 1.92
N MET B 31 27.55 -15.03 1.79
CA MET B 31 27.71 -13.70 1.14
C MET B 31 28.10 -12.55 2.08
N GLN B 32 28.14 -12.79 3.39
CA GLN B 32 28.22 -11.71 4.39
C GLN B 32 29.45 -10.81 4.33
N ASP B 33 30.61 -11.39 4.07
CA ASP B 33 31.86 -10.62 3.96
C ASP B 33 32.00 -9.98 2.57
N ASP B 34 31.67 -10.75 1.53
CA ASP B 34 31.84 -10.31 0.13
C ASP B 34 30.98 -9.09 -0.26
N TYR B 35 29.80 -8.97 0.33
CA TYR B 35 28.85 -7.89 0.00
C TYR B 35 28.23 -7.29 1.26
N HIS B 36 27.63 -6.11 1.13
CA HIS B 36 26.88 -5.49 2.23
C HIS B 36 25.49 -6.12 2.29
N CYS B 37 25.29 -6.98 3.30
CA CYS B 37 24.11 -7.84 3.36
C CYS B 37 23.05 -7.34 4.33
N ILE B 38 21.80 -7.37 3.87
CA ILE B 38 20.64 -6.96 4.65
C ILE B 38 19.61 -8.10 4.55
N TYR B 39 19.22 -8.67 5.69
CA TYR B 39 18.26 -9.78 5.71
C TYR B 39 17.06 -9.44 6.58
N CYS B 40 15.87 -9.80 6.10
CA CYS B 40 14.60 -9.29 6.62
C CYS B 40 13.64 -10.41 6.96
N ILE B 41 12.97 -10.30 8.11
CA ILE B 41 11.87 -11.19 8.47
C ILE B 41 10.60 -10.49 8.02
N VAL B 42 9.95 -11.04 6.99
CA VAL B 42 8.84 -10.36 6.30
C VAL B 42 7.47 -10.70 6.89
N ASP B 43 7.22 -10.20 8.10
CA ASP B 43 5.94 -10.43 8.80
C ASP B 43 4.73 -9.80 8.10
N GLN B 44 4.92 -8.68 7.39
CA GLN B 44 3.84 -8.09 6.58
C GLN B 44 3.44 -8.97 5.39
N HIS B 45 4.39 -9.69 4.81
CA HIS B 45 4.09 -10.68 3.76
C HIS B 45 3.39 -11.92 4.32
N ALA B 46 3.74 -12.32 5.54
CA ALA B 46 3.15 -13.51 6.18
C ALA B 46 1.63 -13.40 6.39
N ILE B 47 1.16 -12.20 6.75
CA ILE B 47 -0.28 -11.98 7.02
C ILE B 47 -1.21 -12.02 5.79
N THR B 48 -0.65 -12.16 4.58
CA THR B 48 -1.45 -12.45 3.38
C THR B 48 -2.16 -13.81 3.47
N VAL B 49 -1.62 -14.73 4.27
CA VAL B 49 -2.32 -15.93 4.71
C VAL B 49 -2.67 -15.71 6.18
N ARG B 50 -3.86 -16.15 6.59
CA ARG B 50 -4.37 -15.88 7.94
C ARG B 50 -3.60 -16.65 8.99
N GLN B 51 -3.06 -15.91 9.98
CA GLN B 51 -2.28 -16.47 11.08
C GLN B 51 -3.00 -16.28 12.40
N ASP B 52 -2.73 -17.17 13.36
CA ASP B 52 -3.04 -16.92 14.76
C ASP B 52 -2.09 -15.83 15.24
N ALA B 53 -2.59 -14.91 16.06
CA ALA B 53 -1.81 -13.74 16.51
C ALA B 53 -0.59 -14.14 17.34
N GLN B 54 -0.76 -15.12 18.22
CA GLN B 54 0.31 -15.58 19.11
C GLN B 54 1.33 -16.42 18.33
N LYS B 55 0.85 -17.20 17.36
CA LYS B 55 1.72 -17.99 16.48
C LYS B 55 2.60 -17.12 15.58
N LEU B 56 2.04 -16.03 15.06
CA LEU B 56 2.78 -15.06 14.23
C LEU B 56 3.90 -14.37 15.02
N ARG B 57 3.59 -13.93 16.24
CA ARG B 57 4.57 -13.29 17.12
C ARG B 57 5.71 -14.25 17.43
N LYS B 58 5.36 -15.48 17.78
CA LYS B 58 6.35 -16.52 18.07
C LYS B 58 7.18 -16.90 16.84
N ALA B 59 6.52 -17.05 15.69
CA ALA B 59 7.20 -17.41 14.44
C ALA B 59 8.22 -16.36 13.96
N THR B 60 7.95 -15.08 14.25
CA THR B 60 8.87 -13.99 13.93
C THR B 60 10.18 -14.12 14.71
N LEU B 61 10.06 -14.35 16.02
CA LEU B 61 11.23 -14.56 16.88
C LEU B 61 11.92 -15.91 16.63
N ASP B 62 11.16 -16.93 16.23
CA ASP B 62 11.73 -18.21 15.76
C ASP B 62 12.63 -18.00 14.55
N THR B 63 12.10 -17.30 13.55
CA THR B 63 12.81 -17.01 12.30
C THR B 63 14.09 -16.20 12.53
N LEU B 64 14.01 -15.18 13.41
CA LEU B 64 15.18 -14.37 13.78
C LEU B 64 16.28 -15.23 14.40
N ALA B 65 15.90 -16.07 15.36
CA ALA B 65 16.82 -17.00 16.02
C ALA B 65 17.46 -18.00 15.05
N LEU B 66 16.69 -18.40 14.03
CA LEU B 66 17.15 -19.37 13.03
C LEU B 66 18.17 -18.75 12.06
N TYR B 67 17.96 -17.49 11.69
CA TYR B 67 18.96 -16.71 10.91
C TYR B 67 20.30 -16.72 11.65
N LEU B 68 20.24 -16.38 12.94
CA LEU B 68 21.43 -16.35 13.81
C LEU B 68 22.10 -17.72 13.93
N ALA B 69 21.28 -18.77 14.06
CA ALA B 69 21.77 -20.15 14.17
C ALA B 69 22.44 -20.67 12.89
N CYS B 70 21.93 -20.26 11.72
CA CYS B 70 22.55 -20.60 10.43
C CYS B 70 23.94 -19.96 10.23
N GLY B 71 24.20 -18.85 10.94
CA GLY B 71 25.47 -18.12 10.86
C GLY B 71 25.38 -16.67 10.43
N ILE B 72 24.15 -16.10 10.38
CA ILE B 72 23.96 -14.69 10.06
C ILE B 72 24.42 -13.86 11.28
N ASP B 73 25.59 -13.26 11.14
CA ASP B 73 26.23 -12.45 12.18
C ASP B 73 25.67 -11.02 12.19
N PRO B 74 25.15 -10.54 13.35
CA PRO B 74 24.68 -9.14 13.44
C PRO B 74 25.77 -8.07 13.33
N GLU B 75 27.03 -8.44 13.61
CA GLU B 75 28.17 -7.53 13.42
C GLU B 75 28.53 -7.30 11.95
N LYS B 76 28.17 -8.25 11.07
CA LYS B 76 28.42 -8.14 9.63
C LYS B 76 27.19 -7.67 8.84
N SER B 77 26.03 -8.27 9.12
CA SER B 77 24.80 -8.01 8.37
C SER B 77 23.75 -7.25 9.17
N THR B 78 22.85 -6.60 8.45
CA THR B 78 21.68 -5.93 9.03
C THR B 78 20.52 -6.93 9.05
N ILE B 79 19.98 -7.21 10.24
CA ILE B 79 18.86 -8.14 10.42
C ILE B 79 17.71 -7.37 11.05
N PHE B 80 16.55 -7.34 10.39
CA PHE B 80 15.39 -6.62 10.92
C PHE B 80 14.04 -7.23 10.57
N VAL B 81 13.03 -6.79 11.31
CA VAL B 81 11.64 -7.18 11.09
C VAL B 81 11.02 -6.13 10.17
N GLN B 82 10.32 -6.59 9.13
CA GLN B 82 9.79 -5.74 8.06
C GLN B 82 8.86 -4.62 8.55
N SER B 83 7.93 -4.97 9.45
CA SER B 83 6.95 -4.00 9.98
C SER B 83 7.55 -2.90 10.86
N HIS B 84 8.77 -3.11 11.37
CA HIS B 84 9.49 -2.09 12.13
C HIS B 84 10.02 -0.93 11.28
N VAL B 85 10.02 -1.08 9.95
CA VAL B 85 10.44 -0.03 9.02
C VAL B 85 9.23 0.41 8.18
N PRO B 86 8.62 1.58 8.51
CA PRO B 86 7.45 2.10 7.76
C PRO B 86 7.62 2.29 6.25
N GLU B 87 8.85 2.49 5.80
CA GLU B 87 9.16 2.81 4.41
C GLU B 87 8.79 1.70 3.40
N HIS B 88 8.71 0.46 3.87
CA HIS B 88 8.31 -0.68 3.02
C HIS B 88 6.87 -0.55 2.52
N ALA B 89 5.95 -0.24 3.43
CA ALA B 89 4.56 0.05 3.07
C ALA B 89 4.41 1.33 2.24
N GLN B 90 5.18 2.37 2.61
CA GLN B 90 5.16 3.65 1.89
C GLN B 90 5.55 3.52 0.43
N LEU B 91 6.71 2.92 0.17
CA LEU B 91 7.17 2.70 -1.20
C LEU B 91 6.29 1.67 -1.92
N GLY B 92 5.81 0.68 -1.18
CA GLY B 92 4.88 -0.33 -1.70
C GLY B 92 3.65 0.27 -2.36
N TRP B 93 3.04 1.25 -1.71
CA TRP B 93 1.90 1.95 -2.31
C TRP B 93 2.29 2.71 -3.58
N ALA B 94 3.40 3.44 -3.51
CA ALA B 94 3.89 4.21 -4.66
C ALA B 94 4.14 3.33 -5.88
N LEU B 95 4.78 2.18 -5.67
CA LEU B 95 5.04 1.22 -6.76
C LEU B 95 3.81 0.49 -7.30
N ASN B 96 2.73 0.42 -6.50
CA ASN B 96 1.40 -0.02 -7.00
C ASN B 96 0.97 0.79 -8.22
N CYS B 97 1.21 2.11 -8.18
CA CYS B 97 0.84 3.01 -9.26
C CYS B 97 1.70 2.90 -10.53
N TYR B 98 2.86 2.23 -10.43
CA TYR B 98 3.74 1.92 -11.58
C TYR B 98 3.82 0.42 -11.87
N THR B 99 2.83 -0.34 -11.39
CA THR B 99 2.71 -1.77 -11.68
C THR B 99 1.36 -1.99 -12.35
N TYR B 100 1.36 -2.73 -13.46
CA TYR B 100 0.13 -3.05 -14.18
C TYR B 100 -0.63 -4.20 -13.53
N PHE B 101 -1.95 -4.19 -13.70
CA PHE B 101 -2.84 -5.23 -13.16
C PHE B 101 -2.52 -6.60 -13.77
N GLY B 102 -2.35 -6.62 -15.10
CA GLY B 102 -1.96 -7.82 -15.85
C GLY B 102 -0.67 -8.49 -15.41
N GLU B 103 0.27 -7.71 -14.91
CA GLU B 103 1.52 -8.24 -14.35
C GLU B 103 1.30 -9.05 -13.07
N LEU B 104 0.36 -8.61 -12.23
CA LEU B 104 0.03 -9.30 -10.97
C LEU B 104 -0.91 -10.50 -11.19
N SER B 105 -1.92 -10.33 -12.05
CA SER B 105 -2.86 -11.42 -12.35
C SER B 105 -2.22 -12.59 -13.10
N ARG B 106 -1.13 -12.34 -13.82
CA ARG B 106 -0.39 -13.39 -14.54
C ARG B 106 0.57 -14.21 -13.66
N MET B 107 0.72 -13.84 -12.38
CA MET B 107 1.69 -14.49 -11.48
C MET B 107 1.34 -15.93 -11.10
N THR B 108 2.29 -16.84 -11.33
CA THR B 108 2.21 -18.25 -10.92
C THR B 108 1.91 -18.43 -9.43
N GLN B 109 2.69 -17.74 -8.60
CA GLN B 109 2.59 -17.86 -7.13
C GLN B 109 1.23 -17.42 -6.56
N PHE B 110 0.65 -16.36 -7.13
CA PHE B 110 -0.71 -15.91 -6.78
C PHE B 110 -1.76 -16.97 -7.12
N LYS B 111 -1.65 -17.55 -8.32
CA LYS B 111 -2.58 -18.58 -8.79
C LYS B 111 -2.58 -19.87 -7.97
N ASP B 112 -1.39 -20.30 -7.54
CA ASP B 112 -1.25 -21.51 -6.73
C ASP B 112 -1.80 -21.31 -5.31
N LYS B 113 -1.45 -20.18 -4.70
CA LYS B 113 -1.96 -19.80 -3.37
C LYS B 113 -3.48 -19.62 -3.35
N SER B 114 -4.05 -19.15 -4.47
CA SER B 114 -5.49 -19.05 -4.64
C SER B 114 -6.14 -20.43 -4.67
N GLU B 119 -10.66 -19.84 -0.50
CA GLU B 119 -11.53 -19.38 0.59
C GLU B 119 -11.18 -17.99 1.11
N ASN B 120 -9.88 -17.71 1.28
CA ASN B 120 -9.37 -16.40 1.68
C ASN B 120 -8.43 -15.88 0.59
N ILE B 121 -9.03 -15.43 -0.51
CA ILE B 121 -8.29 -14.84 -1.63
C ILE B 121 -8.36 -13.32 -1.45
N ASN B 122 -7.46 -12.82 -0.61
CA ASN B 122 -7.44 -11.40 -0.25
C ASN B 122 -6.60 -10.57 -1.22
N ALA B 123 -6.74 -9.25 -1.13
CA ALA B 123 -6.01 -8.31 -1.98
C ALA B 123 -4.50 -8.30 -1.74
N GLY B 124 -4.09 -8.57 -0.50
CA GLY B 124 -2.66 -8.64 -0.16
C GLY B 124 -1.94 -9.76 -0.87
N LEU B 125 -2.61 -10.91 -0.99
CA LEU B 125 -2.09 -12.06 -1.73
C LEU B 125 -1.92 -11.77 -3.22
N PHE B 126 -2.88 -11.03 -3.79
CA PHE B 126 -2.78 -10.53 -5.17
C PHE B 126 -1.69 -9.48 -5.33
N ASP B 127 -1.64 -8.55 -4.36
CA ASP B 127 -0.71 -7.42 -4.39
C ASP B 127 0.67 -7.74 -3.77
N TYR B 128 0.91 -9.02 -3.48
CA TYR B 128 2.15 -9.53 -2.87
C TYR B 128 3.45 -9.08 -3.57
N PRO B 129 3.55 -9.23 -4.90
CA PRO B 129 4.83 -8.89 -5.56
C PRO B 129 5.25 -7.41 -5.52
N VAL B 130 4.28 -6.50 -5.36
CA VAL B 130 4.57 -5.05 -5.35
C VAL B 130 5.28 -4.65 -4.06
N LEU B 131 4.83 -5.18 -2.92
CA LEU B 131 5.51 -4.96 -1.65
C LEU B 131 6.90 -5.60 -1.64
N MET B 132 7.01 -6.78 -2.25
CA MET B 132 8.30 -7.45 -2.43
C MET B 132 9.27 -6.61 -3.26
N ALA B 133 8.78 -5.98 -4.32
CA ALA B 133 9.57 -5.03 -5.11
C ALA B 133 10.06 -3.87 -4.25
N ALA B 134 9.17 -3.32 -3.42
CA ALA B 134 9.52 -2.24 -2.49
C ALA B 134 10.57 -2.65 -1.46
N ASP B 135 10.49 -3.89 -0.98
CA ASP B 135 11.50 -4.43 -0.03
C ASP B 135 12.91 -4.36 -0.63
N ILE B 136 13.02 -4.77 -1.90
CA ILE B 136 14.30 -4.86 -2.59
C ILE B 136 14.82 -3.47 -2.99
N LEU B 137 13.98 -2.70 -3.66
CA LEU B 137 14.38 -1.41 -4.24
C LEU B 137 14.72 -0.32 -3.22
N LEU B 138 14.16 -0.41 -2.00
CA LEU B 138 14.47 0.54 -0.91
C LEU B 138 15.96 0.65 -0.57
N TYR B 139 16.69 -0.46 -0.65
CA TYR B 139 18.07 -0.52 -0.17
C TYR B 139 19.12 -0.48 -1.28
N GLN B 140 18.75 0.02 -2.46
CA GLN B 140 19.64 0.10 -3.62
C GLN B 140 20.30 -1.26 -3.89
N THR B 141 19.46 -2.30 -3.93
CA THR B 141 19.92 -3.68 -3.96
C THR B 141 20.49 -4.08 -5.32
N ASN B 142 21.67 -4.69 -5.29
CA ASN B 142 22.33 -5.23 -6.48
C ASN B 142 22.02 -6.72 -6.66
N LEU B 143 22.12 -7.49 -5.57
CA LEU B 143 21.89 -8.95 -5.61
C LEU B 143 20.76 -9.40 -4.67
N VAL B 144 19.98 -10.38 -5.13
CA VAL B 144 18.84 -10.91 -4.36
C VAL B 144 18.93 -12.44 -4.32
N PRO B 145 19.47 -13.01 -3.21
CA PRO B 145 19.58 -14.47 -3.09
C PRO B 145 18.25 -15.13 -2.72
N VAL B 146 17.66 -15.82 -3.69
CA VAL B 146 16.39 -16.53 -3.51
C VAL B 146 16.42 -17.89 -4.19
N GLY B 147 15.40 -18.69 -3.93
CA GLY B 147 15.18 -19.95 -4.65
C GLY B 147 14.57 -19.69 -6.02
N GLU B 148 14.46 -20.75 -6.81
CA GLU B 148 13.93 -20.68 -8.19
C GLU B 148 12.48 -20.17 -8.27
N ASP B 149 11.67 -20.51 -7.26
CA ASP B 149 10.25 -20.12 -7.23
C ASP B 149 9.98 -18.61 -7.10
N GLN B 150 11.00 -17.83 -6.76
CA GLN B 150 10.90 -16.37 -6.70
C GLN B 150 11.46 -15.64 -7.93
N LYS B 151 11.79 -16.39 -8.99
CA LYS B 151 12.33 -15.79 -10.23
C LYS B 151 11.35 -14.81 -10.88
N GLN B 152 10.08 -15.20 -10.92
CA GLN B 152 9.03 -14.38 -11.55
C GLN B 152 8.75 -13.08 -10.79
N HIS B 153 8.71 -13.16 -9.46
CA HIS B 153 8.60 -11.98 -8.60
C HIS B 153 9.77 -11.01 -8.79
N LEU B 154 10.96 -11.58 -8.96
CA LEU B 154 12.19 -10.80 -9.13
C LEU B 154 12.25 -10.12 -10.51
N GLU B 155 11.71 -10.78 -11.54
CA GLU B 155 11.54 -10.17 -12.86
C GLU B 155 10.72 -8.89 -12.82
N LEU B 156 9.63 -8.90 -12.04
CA LEU B 156 8.73 -7.74 -11.94
C LEU B 156 9.39 -6.54 -11.26
N SER B 157 10.15 -6.78 -10.20
CA SER B 157 10.87 -5.70 -9.50
C SER B 157 11.98 -5.09 -10.35
N ARG B 158 12.55 -5.87 -11.27
CA ARG B 158 13.46 -5.36 -12.31
C ARG B 158 12.70 -4.49 -13.32
N ASP B 159 11.55 -4.99 -13.78
CA ASP B 159 10.69 -4.25 -14.72
C ASP B 159 10.20 -2.92 -14.12
N ILE B 160 9.74 -2.98 -12.88
CA ILE B 160 9.30 -1.79 -12.13
C ILE B 160 10.44 -0.78 -11.96
N ALA B 161 11.62 -1.26 -11.58
CA ALA B 161 12.81 -0.41 -11.40
C ALA B 161 13.20 0.32 -12.68
N GLN B 162 13.24 -0.41 -13.79
CA GLN B 162 13.52 0.16 -15.11
C GLN B 162 12.45 1.17 -15.53
N ARG B 163 11.18 0.77 -15.40
CA ARG B 163 10.02 1.64 -15.72
C ARG B 163 10.05 2.97 -14.98
N PHE B 164 10.33 2.92 -13.68
CA PHE B 164 10.42 4.12 -12.84
C PHE B 164 11.64 4.96 -13.20
N ASN B 165 12.80 4.32 -13.29
CA ASN B 165 14.05 5.00 -13.65
C ASN B 165 13.99 5.74 -14.99
N ALA B 166 13.34 5.13 -15.98
CA ALA B 166 13.16 5.73 -17.31
C ALA B 166 12.44 7.08 -17.25
N LEU B 167 11.46 7.19 -16.37
CA LEU B 167 10.68 8.43 -16.19
C LEU B 167 11.43 9.47 -15.35
N TYR B 168 12.06 9.05 -14.26
CA TYR B 168 12.56 9.96 -13.21
C TYR B 168 14.09 10.04 -13.02
N GLY B 169 14.86 9.13 -13.63
CA GLY B 169 16.32 9.11 -13.50
C GLY B 169 16.85 7.95 -12.67
N GLU B 170 18.08 8.09 -12.16
CA GLU B 170 18.77 7.01 -11.44
C GLU B 170 18.32 6.93 -9.98
N ILE B 171 17.07 6.52 -9.75
CA ILE B 171 16.49 6.45 -8.41
C ILE B 171 16.76 5.08 -7.79
N PHE B 172 16.50 4.03 -8.56
CA PHE B 172 16.73 2.64 -8.13
C PHE B 172 17.90 1.99 -8.85
N LYS B 173 18.51 1.01 -8.18
CA LYS B 173 19.38 0.03 -8.84
C LYS B 173 18.48 -1.09 -9.37
N VAL B 174 18.84 -1.65 -10.51
CA VAL B 174 18.12 -2.80 -11.08
C VAL B 174 18.75 -4.06 -10.46
N PRO B 175 17.98 -4.79 -9.62
CA PRO B 175 18.56 -5.92 -8.89
C PRO B 175 18.73 -7.17 -9.77
N GLU B 176 19.64 -8.05 -9.38
CA GLU B 176 19.89 -9.31 -10.10
C GLU B 176 19.64 -10.51 -9.18
N PRO B 177 19.00 -11.57 -9.71
CA PRO B 177 18.85 -12.80 -8.91
C PRO B 177 20.18 -13.51 -8.63
N PHE B 178 20.26 -14.17 -7.48
CA PHE B 178 21.40 -15.02 -7.13
C PHE B 178 20.86 -16.39 -6.70
N ILE B 179 20.60 -17.23 -7.70
CA ILE B 179 20.00 -18.55 -7.51
C ILE B 179 21.13 -19.59 -7.55
N PRO B 180 21.19 -20.49 -6.55
CA PRO B 180 22.28 -21.47 -6.51
C PRO B 180 22.19 -22.54 -7.60
N LYS B 181 23.34 -23.14 -7.93
CA LYS B 181 23.41 -24.20 -8.95
C LYS B 181 22.69 -25.47 -8.50
N SER B 182 22.78 -25.79 -7.21
CA SER B 182 22.06 -26.91 -6.61
C SER B 182 21.24 -26.44 -5.40
N GLY B 183 20.11 -27.10 -5.17
CA GLY B 183 19.23 -26.80 -4.04
C GLY B 183 18.38 -25.54 -4.23
N ALA B 184 18.21 -25.11 -5.47
CA ALA B 184 17.38 -23.94 -5.80
C ALA B 184 15.88 -24.25 -5.73
N ARG B 185 15.53 -25.52 -5.93
CA ARG B 185 14.14 -25.97 -5.88
C ARG B 185 14.07 -27.39 -5.32
N VAL B 186 14.12 -27.49 -3.99
CA VAL B 186 14.10 -28.77 -3.29
C VAL B 186 12.66 -29.30 -3.32
N MET B 187 12.50 -30.58 -3.66
CA MET B 187 11.19 -31.18 -3.89
C MET B 187 10.71 -32.02 -2.72
N SER B 188 9.41 -32.30 -2.70
CA SER B 188 8.77 -33.06 -1.64
C SER B 188 9.21 -34.53 -1.66
N LEU B 189 9.31 -35.12 -0.48
CA LEU B 189 9.87 -36.47 -0.32
C LEU B 189 8.95 -37.59 -0.83
N LEU B 190 7.64 -37.45 -0.59
CA LEU B 190 6.64 -38.40 -1.10
C LEU B 190 5.97 -37.96 -2.41
N GLU B 191 6.36 -36.80 -2.92
CA GLU B 191 5.75 -36.23 -4.14
C GLU B 191 6.78 -35.36 -4.88
N PRO B 192 7.88 -35.99 -5.38
CA PRO B 192 9.03 -35.25 -5.94
C PRO B 192 8.79 -34.40 -7.20
N THR B 193 7.61 -34.49 -7.81
CA THR B 193 7.19 -33.54 -8.84
C THR B 193 6.63 -32.22 -8.28
N LYS B 194 6.43 -32.17 -6.95
CA LYS B 194 5.91 -30.98 -6.26
C LYS B 194 7.01 -30.39 -5.36
N LYS B 195 7.07 -29.06 -5.31
CA LYS B 195 8.05 -28.34 -4.49
C LYS B 195 7.80 -28.59 -3.00
N MET B 196 8.88 -28.65 -2.21
CA MET B 196 8.76 -28.79 -0.76
C MET B 196 8.27 -27.47 -0.17
N SER B 197 7.10 -27.54 0.48
CA SER B 197 6.46 -26.38 1.10
C SER B 197 6.72 -26.39 2.61
N LYS B 198 6.58 -25.21 3.22
CA LYS B 198 6.72 -25.04 4.67
C LYS B 198 5.36 -25.05 5.38
N SER B 199 4.28 -25.23 4.62
CA SER B 199 2.95 -25.42 5.17
C SER B 199 2.21 -26.52 4.39
N ASP B 200 2.86 -27.68 4.27
CA ASP B 200 2.27 -28.86 3.63
C ASP B 200 1.39 -29.55 4.67
N ASP B 201 0.19 -29.95 4.24
CA ASP B 201 -0.74 -30.71 5.10
C ASP B 201 -0.15 -32.06 5.49
N ASN B 202 0.48 -32.74 4.53
CA ASN B 202 1.24 -33.96 4.79
C ASN B 202 2.66 -33.56 5.22
N ARG B 203 2.94 -33.72 6.52
CA ARG B 203 4.25 -33.38 7.09
C ARG B 203 5.40 -34.27 6.62
N ASN B 204 5.10 -35.50 6.18
CA ASN B 204 6.12 -36.44 5.68
C ASN B 204 6.81 -36.02 4.36
N ASN B 205 6.22 -35.06 3.64
CA ASN B 205 6.88 -34.42 2.49
C ASN B 205 8.07 -33.53 2.85
N VAL B 206 8.14 -33.07 4.11
CA VAL B 206 9.00 -31.94 4.50
C VAL B 206 10.09 -32.36 5.49
N ILE B 207 11.26 -31.73 5.38
CA ILE B 207 12.30 -31.77 6.40
C ILE B 207 12.35 -30.37 7.04
N GLY B 208 11.76 -30.25 8.23
CA GLY B 208 11.80 -29.00 8.99
C GLY B 208 13.18 -28.77 9.59
N LEU B 209 13.60 -27.50 9.65
CA LEU B 209 14.89 -27.13 10.25
C LEU B 209 14.91 -27.29 11.78
N LEU B 210 13.76 -27.09 12.41
CA LEU B 210 13.60 -27.31 13.86
C LEU B 210 12.98 -28.68 14.20
N GLU B 211 12.85 -29.56 13.20
CA GLU B 211 12.30 -30.90 13.38
C GLU B 211 13.35 -31.81 14.03
N ASP B 212 12.88 -32.78 14.82
CA ASP B 212 13.72 -33.80 15.46
C ASP B 212 14.50 -34.59 14.39
N PRO B 213 15.86 -34.57 14.44
CA PRO B 213 16.69 -35.31 13.47
C PRO B 213 16.33 -36.79 13.30
N LYS B 214 16.04 -37.47 14.40
CA LYS B 214 15.57 -38.87 14.37
C LYS B 214 14.33 -39.04 13.47
N SER B 215 13.40 -38.10 13.57
CA SER B 215 12.22 -38.06 12.69
C SER B 215 12.57 -37.72 11.24
N VAL B 216 13.55 -36.83 11.05
CA VAL B 216 14.07 -36.48 9.71
C VAL B 216 14.73 -37.66 9.00
N VAL B 217 15.50 -38.46 9.74
CA VAL B 217 16.14 -39.67 9.18
C VAL B 217 15.11 -40.68 8.66
N LYS B 218 14.01 -40.85 9.40
CA LYS B 218 12.91 -41.74 8.99
C LYS B 218 12.19 -41.29 7.72
N LYS B 219 12.05 -39.97 7.54
CA LYS B 219 11.43 -39.40 6.34
C LYS B 219 12.26 -39.61 5.07
N ILE B 220 13.58 -39.50 5.21
CA ILE B 220 14.52 -39.73 4.10
C ILE B 220 14.50 -41.21 3.68
N LYS B 221 14.48 -42.11 4.65
CA LYS B 221 14.38 -43.56 4.40
C LYS B 221 13.10 -43.95 3.63
N ARG B 222 11.99 -43.28 3.92
CA ARG B 222 10.71 -43.52 3.25
C ARG B 222 10.45 -42.67 2.00
N ALA B 223 11.46 -41.90 1.55
CA ALA B 223 11.33 -41.05 0.36
C ALA B 223 11.17 -41.91 -0.88
N VAL B 224 10.21 -41.56 -1.75
CA VAL B 224 9.96 -42.33 -2.97
C VAL B 224 11.15 -42.21 -3.93
N THR B 225 11.47 -43.33 -4.59
CA THR B 225 12.54 -43.37 -5.58
C THR B 225 11.90 -43.78 -6.91
N ASP B 226 12.29 -44.92 -7.49
CA ASP B 226 11.77 -45.38 -8.77
C ASP B 226 11.92 -46.90 -8.92
N SER B 227 11.32 -47.44 -9.97
CA SER B 227 11.27 -48.89 -10.19
C SER B 227 12.39 -49.44 -11.09
N ASP B 228 13.43 -48.64 -11.38
CA ASP B 228 14.53 -49.07 -12.26
C ASP B 228 15.19 -50.35 -11.74
N GLU B 229 15.48 -51.27 -12.65
CA GLU B 229 16.09 -52.56 -12.32
C GLU B 229 17.26 -52.85 -13.28
N PRO B 230 18.51 -52.88 -12.79
CA PRO B 230 18.87 -52.63 -11.38
C PRO B 230 18.70 -51.17 -10.95
N PRO B 231 18.65 -50.90 -9.64
CA PRO B 231 18.66 -49.50 -9.16
C PRO B 231 19.99 -48.80 -9.50
N VAL B 232 19.90 -47.60 -10.09
CA VAL B 232 21.09 -46.82 -10.46
C VAL B 232 20.93 -45.39 -9.95
N VAL B 233 21.95 -44.89 -9.26
CA VAL B 233 21.96 -43.52 -8.74
C VAL B 233 22.48 -42.59 -9.83
N ARG B 234 21.56 -41.99 -10.59
CA ARG B 234 21.90 -40.97 -11.58
C ARG B 234 20.80 -39.89 -11.68
N TYR B 235 21.21 -38.69 -12.08
CA TYR B 235 20.32 -37.54 -12.14
C TYR B 235 19.47 -37.55 -13.41
N ASP B 236 18.14 -37.49 -13.22
CA ASP B 236 17.17 -37.50 -14.31
C ASP B 236 15.81 -37.11 -13.73
N VAL B 237 15.50 -35.82 -13.76
CA VAL B 237 14.28 -35.29 -13.12
C VAL B 237 12.94 -35.76 -13.73
N GLN B 238 12.97 -36.20 -14.99
CA GLN B 238 11.76 -36.70 -15.65
C GLN B 238 11.38 -38.10 -15.16
N ASN B 239 12.33 -39.03 -15.23
CA ASN B 239 12.09 -40.46 -14.88
C ASN B 239 12.57 -40.88 -13.50
N LYS B 240 13.42 -40.08 -12.86
CA LYS B 240 13.99 -40.41 -11.55
C LYS B 240 13.97 -39.19 -10.62
N ALA B 241 12.77 -38.63 -10.44
CA ALA B 241 12.58 -37.37 -9.69
C ALA B 241 13.05 -37.44 -8.23
N GLY B 242 12.69 -38.53 -7.55
CA GLY B 242 13.04 -38.71 -6.14
C GLY B 242 14.52 -38.92 -5.90
N VAL B 243 15.14 -39.78 -6.69
CA VAL B 243 16.59 -40.03 -6.66
C VAL B 243 17.36 -38.75 -7.00
N SER B 244 16.89 -38.01 -8.00
CA SER B 244 17.49 -36.74 -8.40
C SER B 244 17.39 -35.68 -7.28
N ASN B 245 16.23 -35.61 -6.64
CA ASN B 245 16.01 -34.72 -5.49
C ASN B 245 16.97 -35.03 -4.34
N LEU B 246 17.17 -36.33 -4.05
CA LEU B 246 18.12 -36.77 -3.03
C LEU B 246 19.57 -36.41 -3.38
N LEU B 247 19.96 -36.65 -4.63
CA LEU B 247 21.27 -36.24 -5.14
C LEU B 247 21.49 -34.73 -5.05
N ASP B 248 20.44 -33.97 -5.35
CA ASP B 248 20.45 -32.51 -5.28
C ASP B 248 20.60 -32.01 -3.84
N ILE B 249 19.87 -32.63 -2.91
CA ILE B 249 20.01 -32.33 -1.48
C ILE B 249 21.42 -32.65 -0.98
N LEU B 250 21.94 -33.83 -1.33
CA LEU B 250 23.29 -34.24 -0.94
C LEU B 250 24.37 -33.30 -1.48
N SER B 251 24.21 -32.89 -2.73
CA SER B 251 25.12 -31.94 -3.39
C SER B 251 25.21 -30.60 -2.66
N ALA B 252 24.05 -30.08 -2.25
CA ALA B 252 23.96 -28.77 -1.62
C ALA B 252 24.45 -28.74 -0.16
N VAL B 253 24.24 -29.82 0.59
CA VAL B 253 24.76 -29.93 1.97
C VAL B 253 26.28 -30.09 1.96
N THR B 254 26.79 -30.98 1.11
CA THR B 254 28.21 -31.35 1.10
C THR B 254 29.09 -30.46 0.21
N GLY B 255 28.49 -29.77 -0.76
CA GLY B 255 29.24 -28.95 -1.72
C GLY B 255 29.76 -29.68 -2.95
N GLN B 256 29.52 -30.99 -3.02
CA GLN B 256 30.02 -31.83 -4.12
C GLN B 256 29.06 -31.72 -5.31
N SER B 257 29.61 -31.78 -6.52
CA SER B 257 28.79 -31.70 -7.74
C SER B 257 27.98 -32.99 -7.97
N ILE B 258 27.01 -32.92 -8.87
CA ILE B 258 26.15 -34.07 -9.20
C ILE B 258 26.94 -35.19 -9.90
N PRO B 259 27.75 -34.85 -10.92
CA PRO B 259 28.60 -35.88 -11.56
C PRO B 259 29.63 -36.54 -10.61
N GLU B 260 30.16 -35.76 -9.66
CA GLU B 260 31.04 -36.30 -8.62
C GLU B 260 30.32 -37.37 -7.79
N LEU B 261 29.10 -37.05 -7.35
CA LEU B 261 28.27 -37.99 -6.60
C LEU B 261 27.87 -39.20 -7.43
N GLU B 262 27.50 -38.98 -8.69
CA GLU B 262 27.17 -40.07 -9.63
C GLU B 262 28.28 -41.12 -9.74
N LYS B 263 29.53 -40.66 -9.85
CA LYS B 263 30.70 -41.56 -9.88
C LYS B 263 30.89 -42.28 -8.54
N GLN B 264 30.76 -41.50 -7.46
CA GLN B 264 30.83 -42.00 -6.07
C GLN B 264 29.84 -43.14 -5.79
N PHE B 265 28.66 -43.09 -6.43
CA PHE B 265 27.62 -44.12 -6.26
C PHE B 265 27.57 -45.16 -7.41
N GLU B 266 28.67 -45.34 -8.15
CA GLU B 266 28.76 -46.39 -9.19
C GLU B 266 28.69 -47.78 -8.56
N GLY B 267 27.75 -48.61 -9.04
CA GLY B 267 27.52 -49.94 -8.48
C GLY B 267 26.81 -49.98 -7.14
N LYS B 268 26.38 -48.83 -6.63
CA LYS B 268 25.65 -48.72 -5.38
C LYS B 268 24.17 -48.56 -5.72
N MET B 269 23.33 -48.62 -4.69
CA MET B 269 21.88 -48.53 -4.85
C MET B 269 21.31 -47.48 -3.89
N TYR B 270 19.99 -47.37 -3.81
CA TYR B 270 19.35 -46.25 -3.10
C TYR B 270 19.49 -46.31 -1.56
N GLY B 271 19.89 -47.47 -1.02
CA GLY B 271 20.25 -47.59 0.39
C GLY B 271 21.48 -46.78 0.77
N HIS B 272 22.51 -46.83 -0.08
CA HIS B 272 23.72 -46.00 0.09
C HIS B 272 23.41 -44.51 -0.04
N LEU B 273 22.65 -44.15 -1.08
CA LEU B 273 22.25 -42.76 -1.34
C LEU B 273 21.54 -42.16 -0.13
N LYS B 274 20.51 -42.85 0.34
CA LYS B 274 19.70 -42.39 1.47
C LYS B 274 20.45 -42.36 2.81
N GLY B 275 21.35 -43.33 3.02
CA GLY B 275 22.23 -43.35 4.19
C GLY B 275 23.11 -42.11 4.26
N GLU B 276 23.69 -41.74 3.12
CA GLU B 276 24.52 -40.53 3.00
C GLU B 276 23.73 -39.24 3.19
N VAL B 277 22.53 -39.17 2.61
CA VAL B 277 21.66 -38.00 2.73
C VAL B 277 21.16 -37.84 4.17
N ALA B 278 20.72 -38.94 4.78
CA ALA B 278 20.27 -38.93 6.18
C ALA B 278 21.38 -38.51 7.13
N ASP B 279 22.58 -39.04 6.90
CA ASP B 279 23.76 -38.71 7.73
C ASP B 279 24.14 -37.24 7.64
N ALA B 280 24.25 -36.74 6.40
CA ALA B 280 24.65 -35.35 6.14
C ALA B 280 23.63 -34.32 6.67
N VAL B 281 22.34 -34.59 6.45
CA VAL B 281 21.27 -33.70 6.89
C VAL B 281 21.07 -33.76 8.42
N SER B 282 21.10 -34.98 8.99
CA SER B 282 20.96 -35.14 10.45
C SER B 282 22.06 -34.42 11.24
N GLY B 283 23.29 -34.51 10.74
CA GLY B 283 24.42 -33.82 11.36
C GLY B 283 24.34 -32.30 11.28
N MET B 284 23.83 -31.80 10.16
CA MET B 284 23.65 -30.36 9.94
C MET B 284 22.55 -29.77 10.83
N LEU B 285 21.41 -30.45 10.94
CA LEU B 285 20.29 -30.00 11.78
C LEU B 285 20.56 -30.09 13.29
N THR B 286 21.35 -31.08 13.71
CA THR B 286 21.74 -31.23 15.12
C THR B 286 22.56 -30.04 15.61
N GLU B 287 23.58 -29.67 14.82
CA GLU B 287 24.42 -28.50 15.12
C GLU B 287 23.62 -27.21 15.05
N LEU B 288 22.77 -27.08 14.02
CA LEU B 288 21.92 -25.91 13.81
C LEU B 288 20.95 -25.69 14.97
N GLN B 289 20.31 -26.78 15.42
CA GLN B 289 19.37 -26.72 16.54
C GLN B 289 20.05 -26.49 17.89
N GLU B 290 21.33 -26.85 18.02
CA GLU B 290 22.12 -26.55 19.22
C GLU B 290 22.34 -25.05 19.38
N ARG B 291 22.80 -24.40 18.32
CA ARG B 291 22.96 -22.94 18.28
C ARG B 291 21.63 -22.19 18.44
N TYR B 292 20.57 -22.72 17.82
CA TYR B 292 19.23 -22.12 17.82
C TYR B 292 18.68 -21.80 19.22
N HIS B 293 18.67 -22.80 20.10
CA HIS B 293 18.15 -22.64 21.46
C HIS B 293 18.93 -21.63 22.32
N ARG B 294 20.21 -21.47 22.00
CA ARG B 294 21.07 -20.48 22.65
C ARG B 294 20.62 -19.05 22.29
N PHE B 295 20.36 -18.83 21.01
CA PHE B 295 19.87 -17.53 20.52
C PHE B 295 18.39 -17.29 20.84
N ARG B 296 17.56 -18.32 20.68
CA ARG B 296 16.10 -18.18 20.81
C ARG B 296 15.63 -17.84 22.24
N ASN B 297 16.31 -18.39 23.24
CA ASN B 297 15.98 -18.13 24.66
C ASN B 297 16.66 -16.87 25.24
N ASP B 298 17.55 -16.24 24.47
CA ASP B 298 18.24 -15.02 24.88
C ASP B 298 17.46 -13.82 24.34
N GLU B 299 16.36 -13.48 25.01
CA GLU B 299 15.44 -12.43 24.53
C GLU B 299 16.08 -11.04 24.40
N ALA B 300 16.96 -10.69 25.34
CA ALA B 300 17.65 -9.39 25.33
C ALA B 300 18.57 -9.23 24.12
N PHE B 301 19.21 -10.32 23.70
CA PHE B 301 20.04 -10.34 22.49
C PHE B 301 19.18 -10.18 21.23
N LEU B 302 18.07 -10.90 21.16
CA LEU B 302 17.12 -10.78 20.03
C LEU B 302 16.49 -9.38 19.97
N GLN B 303 16.21 -8.79 21.13
CA GLN B 303 15.71 -7.40 21.20
C GLN B 303 16.71 -6.38 20.66
N GLN B 304 17.99 -6.57 20.99
CA GLN B 304 19.06 -5.66 20.54
C GLN B 304 19.33 -5.78 19.04
N VAL B 305 19.27 -7.00 18.49
CA VAL B 305 19.45 -7.23 17.05
C VAL B 305 18.36 -6.53 16.23
N MET B 306 17.11 -6.69 16.66
CA MET B 306 15.96 -6.03 16.02
C MET B 306 16.04 -4.50 16.08
N LYS B 307 16.49 -3.98 17.22
CA LYS B 307 16.65 -2.54 17.42
C LYS B 307 17.72 -1.96 16.48
N ASP B 308 18.92 -2.53 16.54
CA ASP B 308 20.05 -2.08 15.70
C ASP B 308 19.77 -2.27 14.21
N GLY B 309 19.17 -3.40 13.87
CA GLY B 309 18.82 -3.71 12.48
C GLY B 309 17.80 -2.77 11.87
N ALA B 310 16.71 -2.51 12.60
CA ALA B 310 15.68 -1.55 12.17
C ALA B 310 16.23 -0.13 12.04
N GLU B 311 17.18 0.21 12.91
CA GLU B 311 17.82 1.54 12.89
C GLU B 311 18.68 1.73 11.63
N LYS B 312 19.54 0.75 11.36
CA LYS B 312 20.36 0.72 10.13
C LYS B 312 19.52 0.68 8.85
N ALA B 313 18.43 -0.09 8.88
CA ALA B 313 17.52 -0.21 7.74
C ALA B 313 16.77 1.09 7.45
N SER B 314 16.22 1.71 8.51
CA SER B 314 15.48 2.97 8.39
C SER B 314 16.30 4.11 7.80
N ALA B 315 17.57 4.21 8.20
CA ALA B 315 18.49 5.23 7.68
C ALA B 315 18.63 5.12 6.15
N HIS B 316 18.83 3.91 5.65
CA HIS B 316 18.98 3.68 4.22
C HIS B 316 17.66 3.79 3.46
N ALA B 317 16.60 3.20 4.01
CA ALA B 317 15.28 3.20 3.39
C ALA B 317 14.70 4.61 3.20
N SER B 318 14.89 5.46 4.20
CA SER B 318 14.44 6.87 4.14
C SER B 318 15.17 7.68 3.05
N ARG B 319 16.45 7.39 2.83
CA ARG B 319 17.23 8.03 1.76
C ARG B 319 16.61 7.74 0.37
N THR B 320 16.24 6.47 0.15
CA THR B 320 15.60 6.07 -1.11
C THR B 320 14.18 6.64 -1.24
N LEU B 321 13.38 6.56 -0.18
CA LEU B 321 12.00 7.05 -0.21
C LEU B 321 11.92 8.57 -0.42
N LYS B 322 12.83 9.31 0.21
CA LYS B 322 12.92 10.77 0.03
C LYS B 322 13.14 11.16 -1.44
N ALA B 323 13.99 10.41 -2.13
CA ALA B 323 14.27 10.62 -3.56
C ALA B 323 13.09 10.23 -4.44
N VAL B 324 12.44 9.11 -4.13
CA VAL B 324 11.22 8.66 -4.82
C VAL B 324 10.11 9.70 -4.70
N TYR B 325 9.87 10.15 -3.47
CA TYR B 325 8.86 11.19 -3.18
C TYR B 325 9.16 12.53 -3.85
N GLU B 326 10.44 12.90 -3.91
CA GLU B 326 10.88 14.10 -4.64
C GLU B 326 10.68 13.96 -6.15
N ALA B 327 10.97 12.77 -6.68
CA ALA B 327 10.82 12.48 -8.11
C ALA B 327 9.36 12.52 -8.59
N ILE B 328 8.49 11.79 -7.90
CA ILE B 328 7.05 11.73 -8.27
C ILE B 328 6.30 13.05 -8.06
N GLY B 329 6.83 13.92 -7.22
CA GLY B 329 6.32 15.29 -7.06
C GLY B 329 5.50 15.57 -5.80
N PHE B 330 5.75 14.81 -4.72
CA PHE B 330 5.13 15.11 -3.44
C PHE B 330 5.84 16.29 -2.78
N VAL B 331 5.10 17.03 -1.97
CA VAL B 331 5.66 18.08 -1.12
C VAL B 331 6.42 17.35 0.00
N ALA B 332 7.65 17.77 0.25
CA ALA B 332 8.52 17.08 1.22
C ALA B 332 8.09 17.32 2.66
N LYS B 333 8.25 16.28 3.48
CA LYS B 333 7.96 16.35 4.90
C LYS B 333 9.01 17.20 5.61
N ARG B 334 8.56 18.27 6.27
CA ARG B 334 9.44 19.21 6.95
C ARG B 334 9.42 18.99 8.46
S SO4 C . -18.01 17.67 -7.64
O1 SO4 C . -18.19 16.82 -8.84
O2 SO4 C . -17.15 18.82 -7.97
O3 SO4 C . -17.38 16.88 -6.55
O4 SO4 C . -19.33 18.15 -7.19
P TYM D . 9.41 -17.85 1.90
O1P TYM D . 9.74 -17.84 3.38
O2P TYM D . 8.24 -18.65 1.40
O5' TYM D . 10.72 -18.33 1.11
C5' TYM D . 12.03 -18.08 1.64
C4' TYM D . 13.12 -18.38 0.61
O4' TYM D . 13.25 -19.79 0.45
C1' TYM D . 13.11 -20.16 -0.93
N9 TYM D . 12.40 -21.46 -1.01
C4 TYM D . 12.93 -22.58 -1.50
N3 TYM D . 14.12 -22.90 -2.06
C2 TYM D . 14.39 -24.14 -2.48
N1 TYM D . 13.50 -25.16 -2.40
C6 TYM D . 12.26 -24.99 -1.87
N6 TYM D . 11.38 -26.01 -1.80
C5 TYM D . 11.91 -23.63 -1.38
N7 TYM D . 10.83 -23.04 -0.81
C8 TYM D . 11.16 -21.74 -0.59
C2' TYM D . 12.37 -19.01 -1.60
O2' TYM D . 12.76 -18.89 -2.97
C3' TYM D . 12.80 -17.81 -0.78
O3' TYM D . 13.98 -17.19 -1.31
NH3 TYM D . 8.56 -13.90 -1.22
CA TYM D . 9.57 -14.52 -0.38
CB TYM D . 9.85 -13.65 0.83
CG TYM D . 10.24 -12.23 0.46
CD2 TYM D . 11.47 -11.78 -0.24
CE2 TYM D . 11.34 -10.31 -0.33
CE3 TYM D . 12.58 -12.43 -0.74
CD1 TYM D . 9.52 -11.08 0.70
NE1 TYM D . 10.16 -9.97 0.25
CZ2 TYM D . 12.36 -9.60 -0.94
CZ3 TYM D . 13.59 -11.66 -1.36
CH2 TYM D . 13.47 -10.27 -1.45
C TYM D . 9.11 -15.89 0.06
O TYM D . 8.63 -16.67 -0.75
OPP TYM D . 9.22 -16.31 1.45
C1 EDO E . 7.31 -22.40 0.90
O1 EDO E . 8.40 -21.50 1.06
C2 EDO E . 6.09 -21.68 0.33
O2 EDO E . 4.95 -22.54 0.23
S SO4 F . 11.11 -23.27 20.32
O1 SO4 F . 11.93 -22.35 21.13
O2 SO4 F . 11.20 -22.89 18.90
O3 SO4 F . 9.70 -23.21 20.76
O4 SO4 F . 11.63 -24.65 20.50
N3 5OB G . 0.78 -2.49 -1.73
N1 5OB G . 2.32 -1.84 -0.28
C2 5OB G . 2.09 -2.59 -1.38
C7A 5OB G . 1.19 -1.23 0.11
C3A 5OB G . 0.16 -1.67 -0.87
C4 5OB G . -1.14 -1.21 -0.74
C5 5OB G . -1.47 -0.34 0.30
C6 5OB G . -0.50 0.08 1.22
C7 5OB G . 0.82 -0.36 1.12
O10 5OB G . -2.75 0.16 0.48
C11 5OB G . -3.95 -0.49 0.07
#